data_2GOT
# 
_entry.id   2GOT 
# 
_audit_conform.dict_name       mmcif_pdbx.dic 
_audit_conform.dict_version    5.388 
_audit_conform.dict_location   http://mmcif.pdb.org/dictionaries/ascii/mmcif_pdbx.dic 
# 
loop_
_database_2.database_id 
_database_2.database_code 
_database_2.pdbx_database_accession 
_database_2.pdbx_DOI 
PDB   2GOT         pdb_00002got 10.2210/pdb2got/pdb 
NDB   BD0094       ?            ?                   
RCSB  RCSB037375   ?            ?                   
WWPDB D_1000037375 ?            ?                   
# 
loop_
_pdbx_audit_revision_history.ordinal 
_pdbx_audit_revision_history.data_content_type 
_pdbx_audit_revision_history.major_revision 
_pdbx_audit_revision_history.minor_revision 
_pdbx_audit_revision_history.revision_date 
1 'Structure model' 1 0 2007-04-24 
2 'Structure model' 1 1 2008-05-01 
3 'Structure model' 1 2 2011-07-13 
4 'Structure model' 1 3 2024-03-13 
# 
_pdbx_audit_revision_details.ordinal             1 
_pdbx_audit_revision_details.revision_ordinal    1 
_pdbx_audit_revision_details.data_content_type   'Structure model' 
_pdbx_audit_revision_details.provider            repository 
_pdbx_audit_revision_details.type                'Initial release' 
_pdbx_audit_revision_details.description         ? 
_pdbx_audit_revision_details.details             ? 
# 
loop_
_pdbx_audit_revision_group.ordinal 
_pdbx_audit_revision_group.revision_ordinal 
_pdbx_audit_revision_group.data_content_type 
_pdbx_audit_revision_group.group 
1 2 'Structure model' 'Version format compliance' 
2 3 'Structure model' 'Version format compliance' 
3 4 'Structure model' 'Data collection'           
4 4 'Structure model' 'Database references'       
5 4 'Structure model' 'Derived calculations'      
# 
loop_
_pdbx_audit_revision_category.ordinal 
_pdbx_audit_revision_category.revision_ordinal 
_pdbx_audit_revision_category.data_content_type 
_pdbx_audit_revision_category.category 
1 4 'Structure model' chem_comp_atom 
2 4 'Structure model' chem_comp_bond 
3 4 'Structure model' database_2     
4 4 'Structure model' struct_conn    
# 
loop_
_pdbx_audit_revision_item.ordinal 
_pdbx_audit_revision_item.revision_ordinal 
_pdbx_audit_revision_item.data_content_type 
_pdbx_audit_revision_item.item 
1 4 'Structure model' '_database_2.pdbx_DOI'                
2 4 'Structure model' '_database_2.pdbx_database_accession' 
3 4 'Structure model' '_struct_conn.pdbx_leaving_atom_flag' 
# 
_pdbx_database_status.entry_id                        2GOT 
_pdbx_database_status.deposit_site                    RCSB 
_pdbx_database_status.process_site                    PDBJ 
_pdbx_database_status.recvd_initial_deposition_date   2006-04-14 
_pdbx_database_status.status_code                     REL 
_pdbx_database_status.status_code_sf                  REL 
_pdbx_database_status.status_code_mr                  ? 
_pdbx_database_status.SG_entry                        ? 
_pdbx_database_status.pdb_format_compatible           Y 
_pdbx_database_status.status_code_cs                  ? 
_pdbx_database_status.status_code_nmr_data            ? 
_pdbx_database_status.methods_development_category    ? 
# 
loop_
_pdbx_database_related.db_name 
_pdbx_database_related.db_id 
_pdbx_database_related.details 
_pdbx_database_related.content_type 
PDB 1UE3 'Original sequence crystallized under condition containing hexammine cobalt chloride.' unspecified 
PDB 1UE4 'Original sequence crystallized under condition containing magnesium chloride.'        unspecified 
# 
loop_
_audit_author.name 
_audit_author.pdbx_ordinal 
'Kondo, J.'    1 
'Sunami, T.'   2 
'Takenaka, A.' 3 
# 
_citation.id                        primary 
_citation.title                     
'The structure of a d(gcGAACgc) duplex containing two consecutive bulged A residues in both strands suggests a molecular switch' 
_citation.journal_abbrev            'Acta Crystallogr.,Sect.D' 
_citation.journal_volume            63 
_citation.page_first                673 
_citation.page_last                 681 
_citation.year                      2007 
_citation.journal_id_ASTM           ABCRE6 
_citation.country                   DK 
_citation.journal_id_ISSN           0907-4449 
_citation.journal_id_CSD            0766 
_citation.book_publisher            ? 
_citation.pdbx_database_id_PubMed   17505105 
_citation.pdbx_database_id_DOI      10.1107/S0907444907012607 
# 
loop_
_citation_author.citation_id 
_citation_author.name 
_citation_author.ordinal 
_citation_author.identifier_ORCID 
primary 'Kondo, J.'    1 ? 
primary 'Sunami, T.'   2 ? 
primary 'Takenaka, A.' 3 ? 
# 
loop_
_entity.id 
_entity.type 
_entity.src_method 
_entity.pdbx_description 
_entity.formula_weight 
_entity.pdbx_number_of_molecules 
_entity.pdbx_ec 
_entity.pdbx_mutation 
_entity.pdbx_fragment 
_entity.details 
1 polymer syn 
;DNA (5'-D(*DGP*(CBR)P*DGP*DAP*DAP*DCP*DGP*DC)-3')
;
2515.515 2 ? ? ? ? 
2 water   nat water                                               18.015   5 ? ? ? ? 
# 
_entity_poly.entity_id                      1 
_entity_poly.type                           polydeoxyribonucleotide 
_entity_poly.nstd_linkage                   no 
_entity_poly.nstd_monomer                   yes 
_entity_poly.pdbx_seq_one_letter_code       '(DG)(CBR)(DG)(DA)(DA)(DC)(DG)(DC)' 
_entity_poly.pdbx_seq_one_letter_code_can   GCGAACGC 
_entity_poly.pdbx_strand_id                 A,B 
_entity_poly.pdbx_target_identifier         ? 
# 
_pdbx_entity_nonpoly.entity_id   2 
_pdbx_entity_nonpoly.name        water 
_pdbx_entity_nonpoly.comp_id     HOH 
# 
loop_
_entity_poly_seq.entity_id 
_entity_poly_seq.num 
_entity_poly_seq.mon_id 
_entity_poly_seq.hetero 
1 1 DG  n 
1 2 CBR n 
1 3 DG  n 
1 4 DA  n 
1 5 DA  n 
1 6 DC  n 
1 7 DG  n 
1 8 DC  n 
# 
_pdbx_entity_src_syn.entity_id              1 
_pdbx_entity_src_syn.pdbx_src_id            1 
_pdbx_entity_src_syn.pdbx_alt_source_flag   sample 
_pdbx_entity_src_syn.pdbx_beg_seq_num       ? 
_pdbx_entity_src_syn.pdbx_end_seq_num       ? 
_pdbx_entity_src_syn.organism_scientific    ? 
_pdbx_entity_src_syn.organism_common_name   ? 
_pdbx_entity_src_syn.ncbi_taxonomy_id       ? 
_pdbx_entity_src_syn.details                'chemically synthesized' 
# 
loop_
_chem_comp.id 
_chem_comp.type 
_chem_comp.mon_nstd_flag 
_chem_comp.name 
_chem_comp.pdbx_synonyms 
_chem_comp.formula 
_chem_comp.formula_weight 
CBR 'DNA linking' n "5-BROMO-2'-DEOXY-CYTIDINE-5'-MONOPHOSPHATE" ? 'C9 H13 Br N3 O7 P' 386.093 
DA  'DNA linking' y "2'-DEOXYADENOSINE-5'-MONOPHOSPHATE"         ? 'C10 H14 N5 O6 P'   331.222 
DC  'DNA linking' y "2'-DEOXYCYTIDINE-5'-MONOPHOSPHATE"          ? 'C9 H14 N3 O7 P'    307.197 
DG  'DNA linking' y "2'-DEOXYGUANOSINE-5'-MONOPHOSPHATE"         ? 'C10 H14 N5 O7 P'   347.221 
HOH non-polymer   . WATER                                        ? 'H2 O'              18.015  
# 
loop_
_pdbx_poly_seq_scheme.asym_id 
_pdbx_poly_seq_scheme.entity_id 
_pdbx_poly_seq_scheme.seq_id 
_pdbx_poly_seq_scheme.mon_id 
_pdbx_poly_seq_scheme.ndb_seq_num 
_pdbx_poly_seq_scheme.pdb_seq_num 
_pdbx_poly_seq_scheme.auth_seq_num 
_pdbx_poly_seq_scheme.pdb_mon_id 
_pdbx_poly_seq_scheme.auth_mon_id 
_pdbx_poly_seq_scheme.pdb_strand_id 
_pdbx_poly_seq_scheme.pdb_ins_code 
_pdbx_poly_seq_scheme.hetero 
A 1 1 DG  1 1 1 DG  G   A . n 
A 1 2 CBR 2 2 2 CBR CBR A . n 
A 1 3 DG  3 3 3 DG  G   A . n 
A 1 4 DA  4 4 4 DA  A   A . n 
A 1 5 DA  5 5 5 DA  A   A . n 
A 1 6 DC  6 6 6 DC  C   A . n 
A 1 7 DG  7 7 7 DG  G   A . n 
A 1 8 DC  8 8 8 DC  C   A . n 
B 1 1 DG  1 1 1 DG  G   B . n 
B 1 2 CBR 2 2 2 CBR CBR B . n 
B 1 3 DG  3 3 3 DG  G   B . n 
B 1 4 DA  4 4 4 DA  A   B . n 
B 1 5 DA  5 5 5 DA  A   B . n 
B 1 6 DC  6 6 6 DC  C   B . n 
B 1 7 DG  7 7 7 DG  G   B . n 
B 1 8 DC  8 8 8 DC  C   B . n 
# 
loop_
_pdbx_nonpoly_scheme.asym_id 
_pdbx_nonpoly_scheme.entity_id 
_pdbx_nonpoly_scheme.mon_id 
_pdbx_nonpoly_scheme.ndb_seq_num 
_pdbx_nonpoly_scheme.pdb_seq_num 
_pdbx_nonpoly_scheme.auth_seq_num 
_pdbx_nonpoly_scheme.pdb_mon_id 
_pdbx_nonpoly_scheme.auth_mon_id 
_pdbx_nonpoly_scheme.pdb_strand_id 
_pdbx_nonpoly_scheme.pdb_ins_code 
C 2 HOH 1 9  1 HOH HOH A . 
C 2 HOH 2 10 2 HOH HOH A . 
C 2 HOH 3 11 4 HOH HOH A . 
D 2 HOH 1 9  3 HOH HOH B . 
D 2 HOH 2 10 5 HOH HOH B . 
# 
loop_
_software.name 
_software.version 
_software.date 
_software.type 
_software.contact_author 
_software.contact_author_email 
_software.classification 
_software.location 
_software.language 
_software.citation_id 
_software.pdbx_ordinal 
SCALA       .     ?                other   'Phil Evans'      pre@mrc-lmb.cam.ac.uk    'data scaling'    
http://www.ccp4.ac.uk/dist/html/INDEX.html Fortran_77 ? 1 
REFMAC      .     ?                program 'Murshudov, G.N.' ccp4@dl.ac.uk            refinement        
http://www.ccp4.ac.uk/main.html            Fortran_77 ? 2 
PDB_EXTRACT 2.000 'April. 3, 2006' package PDB               sw-help@rcsb.rutgers.edu 'data extraction' 
http://pdb.rutgers.edu/software/           C++        ? 3 
DPS         .     ?                ?       ?                 ?                        'data reduction'  ? ?          ? 4 
MOSFLM      .     ?                ?       ?                 ?                        'data reduction'  ? ?          ? 5 
CCP4        .     ?                ?       ?                 ?                        'data scaling'    ? ?          ? 6 
SOLVE       .     ?                ?       ?                 ?                        phasing           ? ?          ? 7 
# 
_cell.entry_id           2GOT 
_cell.length_a           26.830 
_cell.length_b           26.830 
_cell.length_c           226.325 
_cell.angle_alpha        90.00 
_cell.angle_beta         90.00 
_cell.angle_gamma        120.00 
_cell.Z_PDB              24 
_cell.pdbx_unique_axis   ? 
_cell.length_a_esd       ? 
_cell.length_b_esd       ? 
_cell.length_c_esd       ? 
_cell.angle_alpha_esd    ? 
_cell.angle_beta_esd     ? 
_cell.angle_gamma_esd    ? 
# 
_symmetry.entry_id                         2GOT 
_symmetry.space_group_name_H-M             'P 61 2 2' 
_symmetry.pdbx_full_space_group_name_H-M   ? 
_symmetry.cell_setting                     ? 
_symmetry.Int_Tables_number                178 
_symmetry.space_group_name_Hall            ? 
# 
_exptl.crystals_number   1 
_exptl.entry_id          2GOT 
_exptl.method            'X-RAY DIFFRACTION' 
# 
_exptl_crystal.id                    1 
_exptl_crystal.density_Matthews      2.24 
_exptl_crystal.density_meas          ? 
_exptl_crystal.density_percent_sol   43.7 
_exptl_crystal.description           ? 
_exptl_crystal.F_000                 ? 
_exptl_crystal.preparation           ? 
# 
_exptl_crystal_grow.crystal_id      1 
_exptl_crystal_grow.method          'VAPOR DIFFUSION, HANGING DROP' 
_exptl_crystal_grow.pH              7.0 
_exptl_crystal_grow.temp            277 
_exptl_crystal_grow.temp_details    ? 
_exptl_crystal_grow.pdbx_details    
;40mM sodium cacodylate, 12mM spermine tetrahydrochloride, 80mM sodium chloride, 10%(v/v) 2-methyl-2,4-pentanediol, pH 7.0, VAPOR DIFFUSION, HANGING DROP, temperature 277K
;
_exptl_crystal_grow.pdbx_pH_range   . 
# 
loop_
_exptl_crystal_grow_comp.crystal_id 
_exptl_crystal_grow_comp.id 
_exptl_crystal_grow_comp.sol_id 
_exptl_crystal_grow_comp.name 
_exptl_crystal_grow_comp.volume 
_exptl_crystal_grow_comp.conc 
_exptl_crystal_grow_comp.details 
1 1 1 'sodium cacodylate'           ? ? ? 
1 2 1 'spermine tetrahydrochloride' ? ? ? 
1 3 1 'sodium chloride'             ? ? ? 
1 4 1 2-methyl-2,4-pentanediol      ? ? ? 
1 5 1 HOH                           ? ? ? 
1 6 2 'sodium cacodylate'           ? ? ? 
1 7 2 'sodium chloride'             ? ? ? 
1 8 2 HOH                           ? ? ? 
# 
_diffrn.id                     1 
_diffrn.ambient_temp           100 
_diffrn.ambient_temp_details   ? 
_diffrn.crystal_id             1 
# 
_diffrn_detector.diffrn_id              1 
_diffrn_detector.detector               CCD 
_diffrn_detector.type                   'ADSC QUANTUM 4' 
_diffrn_detector.pdbx_collection_date   2000-11-19 
_diffrn_detector.details                ? 
# 
_diffrn_radiation.diffrn_id                        1 
_diffrn_radiation.wavelength_id                    1 
_diffrn_radiation.pdbx_diffrn_protocol             MAD 
_diffrn_radiation.monochromator                    ? 
_diffrn_radiation.pdbx_monochromatic_or_laue_m_l   M 
_diffrn_radiation.pdbx_scattering_type             x-ray 
# 
loop_
_diffrn_radiation_wavelength.id 
_diffrn_radiation_wavelength.wavelength 
_diffrn_radiation_wavelength.wt 
1 1.00    1.0 
2 0.91955 1.0 
3 0.92010 1.0 
# 
_diffrn_source.diffrn_id                   1 
_diffrn_source.source                      SYNCHROTRON 
_diffrn_source.type                        'PHOTON FACTORY BEAMLINE BL-18B' 
_diffrn_source.pdbx_wavelength             ? 
_diffrn_source.pdbx_wavelength_list        '1.00, 0.91955, 0.92010' 
_diffrn_source.pdbx_synchrotron_site       'Photon Factory' 
_diffrn_source.pdbx_synchrotron_beamline   BL-18B 
# 
_reflns.entry_id                     2GOT 
_reflns.d_resolution_high            2.602 
_reflns.d_resolution_low             25.147 
_reflns.number_obs                   1730 
_reflns.pdbx_Rmerge_I_obs            0.054 
_reflns.pdbx_netI_over_sigmaI        8.200 
_reflns.pdbx_Rsym_value              0.054 
_reflns.pdbx_redundancy              15.600 
_reflns.percent_possible_obs         93.000 
_reflns.number_all                   ? 
_reflns.observed_criterion_sigma_F   ? 
_reflns.observed_criterion_sigma_I   ? 
_reflns.B_iso_Wilson_estimate        ? 
_reflns.R_free_details               ? 
_reflns.pdbx_chi_squared             ? 
_reflns.pdbx_scaling_rejects         ? 
_reflns.pdbx_diffrn_id               1 
_reflns.pdbx_ordinal                 1 
# 
loop_
_reflns_shell.d_res_high 
_reflns_shell.d_res_low 
_reflns_shell.number_measured_obs 
_reflns_shell.number_measured_all 
_reflns_shell.number_unique_obs 
_reflns_shell.Rmerge_I_obs 
_reflns_shell.meanI_over_sigI_obs 
_reflns_shell.pdbx_Rsym_value 
_reflns_shell.pdbx_chi_squared 
_reflns_shell.pdbx_redundancy 
_reflns_shell.percent_possible_obs 
_reflns_shell.number_unique_all 
_reflns_shell.percent_possible_all 
_reflns_shell.pdbx_diffrn_id 
_reflns_shell.pdbx_ordinal 
2.60 2.74  ? 2074 ? 0.266 2.5  0.266 ? 12.70 ? 163 64.90 ? 1  
2.74 2.91  ? 2870 ? 0.159 4.1  0.159 ? 13.20 ? 218 91.30 ? 2  
2.91 3.11  ? 3717 ? 0.103 5.9  0.103 ? 16.90 ? 220 99.80 ? 3  
3.11 3.36  ? 4030 ? 0.055 8.8  0.055 ? 17.00 ? 237 99.80 ? 4  
3.36 3.68  ? 3280 ? 0.052 7.8  0.052 ? 18.20 ? 180 99.70 ? 5  
3.68 4.11  ? 3165 ? 0.052 11.3 0.052 ? 17.00 ? 186 99.60 ? 6  
4.11 4.75  ? 2871 ? 0.049 10.8 0.049 ? 15.90 ? 180 99.50 ? 7  
4.75 5.81  ? 2359 ? 0.047 11.2 0.047 ? 15.90 ? 148 99.30 ? 8  
5.81 8.22  ? 1769 ? 0.044 11.7 0.044 ? 14.40 ? 123 98.90 ? 9  
8.22 25.15 ? 883  ? 0.041 11.6 0.041 ? 11.80 ? 75  90.70 ? 10 
# 
_refine.entry_id                                 2GOT 
_refine.ls_d_res_high                            2.602 
_refine.ls_d_res_low                             25.147 
_refine.pdbx_ls_sigma_F                          0.00 
_refine.ls_percent_reflns_obs                    92.900 
_refine.ls_number_reflns_obs                     1726 
_refine.pdbx_ls_cross_valid_method               THROUGHOUT 
_refine.pdbx_R_Free_selection_details            RANDOM 
_refine.details                                  'HYDROGENS HAVE BEEN ADDED IN THE RIDING POSITIONS' 
_refine.ls_R_factor_obs                          0.254 
_refine.ls_R_factor_R_work                       0.253 
_refine.ls_R_factor_R_free                       0.269 
_refine.ls_percent_reflns_R_free                 9.200 
_refine.ls_number_reflns_R_free                  158 
_refine.B_iso_mean                               30.435 
_refine.aniso_B[1][1]                            1.360 
_refine.aniso_B[2][2]                            1.360 
_refine.aniso_B[3][3]                            -2.040 
_refine.aniso_B[1][2]                            0.680 
_refine.aniso_B[1][3]                            0.000 
_refine.aniso_B[2][3]                            0.000 
_refine.correlation_coeff_Fo_to_Fc               0.932 
_refine.correlation_coeff_Fo_to_Fc_free          0.914 
_refine.pdbx_overall_ESU_R                       2.270 
_refine.pdbx_overall_ESU_R_Free                  0.366 
_refine.overall_SU_ML                            0.268 
_refine.overall_SU_B                             12.436 
_refine.solvent_model_details                    'BABINET MODEL WITH MASK' 
_refine.pdbx_solvent_vdw_probe_radii             1.400 
_refine.pdbx_solvent_ion_probe_radii             0.800 
_refine.pdbx_solvent_shrinkage_radii             0.800 
_refine.pdbx_stereochemistry_target_values       'MAXIMUM LIKELIHOOD' 
_refine.ls_R_factor_all                          ? 
_refine.ls_number_reflns_all                     ? 
_refine.pdbx_ls_sigma_I                          ? 
_refine.ls_redundancy_reflns_obs                 ? 
_refine.pdbx_data_cutoff_high_absF               ? 
_refine.pdbx_data_cutoff_low_absF                ? 
_refine.ls_number_parameters                     ? 
_refine.ls_number_restraints                     ? 
_refine.ls_R_factor_R_free_error                 ? 
_refine.ls_R_factor_R_free_error_details         ? 
_refine.pdbx_method_to_determine_struct          ? 
_refine.pdbx_starting_model                      ? 
_refine.pdbx_isotropic_thermal_model             ? 
_refine.pdbx_stereochem_target_val_spec_case     ? 
_refine.solvent_model_param_bsol                 ? 
_refine.solvent_model_param_ksol                 ? 
_refine.occupancy_max                            ? 
_refine.occupancy_min                            ? 
_refine.pdbx_data_cutoff_high_rms_absF           ? 
_refine.overall_SU_R_Cruickshank_DPI             ? 
_refine.overall_SU_R_free                        ? 
_refine.ls_wR_factor_R_free                      ? 
_refine.ls_wR_factor_R_work                      ? 
_refine.overall_FOM_free_R_set                   ? 
_refine.overall_FOM_work_R_set                   ? 
_refine.pdbx_overall_phase_error                 ? 
_refine.pdbx_refine_id                           'X-RAY DIFFRACTION' 
_refine.pdbx_diffrn_id                           1 
_refine.pdbx_TLS_residual_ADP_flag               ? 
_refine.pdbx_overall_SU_R_free_Cruickshank_DPI   ? 
_refine.pdbx_overall_SU_R_Blow_DPI               ? 
_refine.pdbx_overall_SU_R_free_Blow_DPI          ? 
# 
_refine_hist.pdbx_refine_id                   'X-RAY DIFFRACTION' 
_refine_hist.cycle_id                         LAST 
_refine_hist.pdbx_number_atoms_protein        0 
_refine_hist.pdbx_number_atoms_nucleic_acid   378 
_refine_hist.pdbx_number_atoms_ligand         0 
_refine_hist.number_atoms_solvent             5 
_refine_hist.number_atoms_total               383 
_refine_hist.d_res_high                       2.602 
_refine_hist.d_res_low                        25.147 
# 
loop_
_refine_ls_restr.type 
_refine_ls_restr.number 
_refine_ls_restr.dev_ideal 
_refine_ls_restr.dev_ideal_target 
_refine_ls_restr.weight 
_refine_ls_restr.pdbx_refine_id 
_refine_ls_restr.pdbx_restraint_function 
r_bond_refined_d         426 0.017 0.021 ? 'X-RAY DIFFRACTION' ? 
r_bond_other_d           164 0.004 0.020 ? 'X-RAY DIFFRACTION' ? 
r_angle_refined_deg      658 2.654 3.000 ? 'X-RAY DIFFRACTION' ? 
r_angle_other_deg        422 2.045 3.000 ? 'X-RAY DIFFRACTION' ? 
r_chiral_restr           56  0.182 0.200 ? 'X-RAY DIFFRACTION' ? 
r_gen_planes_refined     194 0.012 0.020 ? 'X-RAY DIFFRACTION' ? 
r_nbd_refined            80  0.171 0.200 ? 'X-RAY DIFFRACTION' ? 
r_nbd_other              179 0.221 0.200 ? 'X-RAY DIFFRACTION' ? 
r_nbtor_other            107 0.112 0.200 ? 'X-RAY DIFFRACTION' ? 
r_xyhbond_nbd_refined    4   0.185 0.200 ? 'X-RAY DIFFRACTION' ? 
r_symmetry_vdw_refined   27  0.118 0.200 ? 'X-RAY DIFFRACTION' ? 
r_symmetry_vdw_other     30  0.420 0.200 ? 'X-RAY DIFFRACTION' ? 
r_symmetry_hbond_refined 9   0.120 0.200 ? 'X-RAY DIFFRACTION' ? 
r_scbond_it              426 3.061 3.000 ? 'X-RAY DIFFRACTION' ? 
r_scangle_it             658 4.841 4.500 ? 'X-RAY DIFFRACTION' ? 
# 
_refine_ls_shell.d_res_high                       2.603 
_refine_ls_shell.d_res_low                        2.670 
_refine_ls_shell.pdbx_total_number_of_bins_used   20 
_refine_ls_shell.percent_reflns_obs               ? 
_refine_ls_shell.number_reflns_R_work             71 
_refine_ls_shell.R_factor_all                     ? 
_refine_ls_shell.R_factor_R_work                  0.461 
_refine_ls_shell.R_factor_R_free                  0.807 
_refine_ls_shell.percent_reflns_R_free            ? 
_refine_ls_shell.number_reflns_R_free             3 
_refine_ls_shell.R_factor_R_free_error            ? 
_refine_ls_shell.number_reflns_all                ? 
_refine_ls_shell.number_reflns_obs                74 
_refine_ls_shell.redundancy_reflns_obs            ? 
_refine_ls_shell.pdbx_refine_id                   'X-RAY DIFFRACTION' 
# 
loop_
_pdbx_xplor_file.serial_no 
_pdbx_xplor_file.param_file 
_pdbx_xplor_file.topol_file 
_pdbx_xplor_file.pdbx_refine_id 
1 dna_free.param ? 'X-RAY DIFFRACTION' 
2 brc.param      ? 'X-RAY DIFFRACTION' 
3 ion.param      ? 'X-RAY DIFFRACTION' 
4 water.param    ? 'X-RAY DIFFRACTION' 
# 
_struct.entry_id                  2GOT 
_struct.title                     'Crystal structure of d(GCGAACGC): two types of bulge-containing duplexes' 
_struct.pdbx_model_details        ? 
_struct.pdbx_CASP_flag            ? 
_struct.pdbx_model_type_details   ? 
# 
_struct_keywords.entry_id        2GOT 
_struct_keywords.pdbx_keywords   DNA 
_struct_keywords.text            
'intra-duplex and inter-duplex hand-in-pocket motifs, bulge-containing duplex, base-intercalated duplex, single stranded DNA, DNA' 
# 
loop_
_struct_asym.id 
_struct_asym.pdbx_blank_PDB_chainid_flag 
_struct_asym.pdbx_modified 
_struct_asym.entity_id 
_struct_asym.details 
A N N 1 ? 
B N N 1 ? 
C N N 2 ? 
D N N 2 ? 
# 
_struct_ref.id                         1 
_struct_ref.db_name                    PDB 
_struct_ref.db_code                    2GOT 
_struct_ref.pdbx_db_accession          2GOT 
_struct_ref.entity_id                  1 
_struct_ref.pdbx_align_begin           ? 
_struct_ref.pdbx_seq_one_letter_code   GCGAACGC 
_struct_ref.pdbx_db_isoform            ? 
# 
loop_
_struct_ref_seq.align_id 
_struct_ref_seq.ref_id 
_struct_ref_seq.pdbx_PDB_id_code 
_struct_ref_seq.pdbx_strand_id 
_struct_ref_seq.seq_align_beg 
_struct_ref_seq.pdbx_seq_align_beg_ins_code 
_struct_ref_seq.seq_align_end 
_struct_ref_seq.pdbx_seq_align_end_ins_code 
_struct_ref_seq.pdbx_db_accession 
_struct_ref_seq.db_align_beg 
_struct_ref_seq.pdbx_db_align_beg_ins_code 
_struct_ref_seq.db_align_end 
_struct_ref_seq.pdbx_db_align_end_ins_code 
_struct_ref_seq.pdbx_auth_seq_align_beg 
_struct_ref_seq.pdbx_auth_seq_align_end 
1 1 2GOT A 1 ? 8 ? 2GOT 1 ? 8 ? 1 8 
2 1 2GOT B 1 ? 8 ? 2GOT 1 ? 8 ? 1 8 
# 
loop_
_pdbx_struct_assembly.id 
_pdbx_struct_assembly.details 
_pdbx_struct_assembly.method_details 
_pdbx_struct_assembly.oligomeric_details 
_pdbx_struct_assembly.oligomeric_count 
1 author_defined_assembly ? dimeric 2 
2 author_defined_assembly ? dimeric 2 
# 
loop_
_pdbx_struct_assembly_gen.assembly_id 
_pdbx_struct_assembly_gen.oper_expression 
_pdbx_struct_assembly_gen.asym_id_list 
1 1,2 A,C 
2 1,3 B,D 
# 
loop_
_pdbx_struct_oper_list.id 
_pdbx_struct_oper_list.type 
_pdbx_struct_oper_list.name 
_pdbx_struct_oper_list.symmetry_operation 
_pdbx_struct_oper_list.matrix[1][1] 
_pdbx_struct_oper_list.matrix[1][2] 
_pdbx_struct_oper_list.matrix[1][3] 
_pdbx_struct_oper_list.vector[1] 
_pdbx_struct_oper_list.matrix[2][1] 
_pdbx_struct_oper_list.matrix[2][2] 
_pdbx_struct_oper_list.matrix[2][3] 
_pdbx_struct_oper_list.vector[2] 
_pdbx_struct_oper_list.matrix[3][1] 
_pdbx_struct_oper_list.matrix[3][2] 
_pdbx_struct_oper_list.matrix[3][3] 
_pdbx_struct_oper_list.vector[3] 
1 'identity operation'         1_555  x,y,z        1.0000000000  0.0000000000  0.0000000000  0.0000000000   0.0000000000  1.0000000000  0.0000000000 0.0000000000   0.0000000000  0.0000000000 1.0000000000 0.0000000000  
2 'crystal symmetry operation' 12_555 x,x-y,-z+1/6 -0.9784444345 0.0606208532  0.1974122611  13.2726103199  0.0606208532  -0.8295155914 0.5551837495 9.6338335191   0.1974122611  0.5551837495 0.8079600259 -4.4075774435 
3 'crystal symmetry operation' 8_555  x-y,-y,-z    -0.7154613450 -0.3252847835 -0.6183080733 -19.4347391016 -0.3252847835 -0.6281342149 0.7068502089 -18.4808759472 -0.6183080733 0.7068502089 0.3435955598 0.7789211020  
# 
_struct_biol.id        1 
_struct_biol.details   ? 
# 
loop_
_struct_conn.id 
_struct_conn.conn_type_id 
_struct_conn.pdbx_leaving_atom_flag 
_struct_conn.pdbx_PDB_id 
_struct_conn.ptnr1_label_asym_id 
_struct_conn.ptnr1_label_comp_id 
_struct_conn.ptnr1_label_seq_id 
_struct_conn.ptnr1_label_atom_id 
_struct_conn.pdbx_ptnr1_label_alt_id 
_struct_conn.pdbx_ptnr1_PDB_ins_code 
_struct_conn.pdbx_ptnr1_standard_comp_id 
_struct_conn.ptnr1_symmetry 
_struct_conn.ptnr2_label_asym_id 
_struct_conn.ptnr2_label_comp_id 
_struct_conn.ptnr2_label_seq_id 
_struct_conn.ptnr2_label_atom_id 
_struct_conn.pdbx_ptnr2_label_alt_id 
_struct_conn.pdbx_ptnr2_PDB_ins_code 
_struct_conn.ptnr1_auth_asym_id 
_struct_conn.ptnr1_auth_comp_id 
_struct_conn.ptnr1_auth_seq_id 
_struct_conn.ptnr2_auth_asym_id 
_struct_conn.ptnr2_auth_comp_id 
_struct_conn.ptnr2_auth_seq_id 
_struct_conn.ptnr2_symmetry 
_struct_conn.pdbx_ptnr3_label_atom_id 
_struct_conn.pdbx_ptnr3_label_seq_id 
_struct_conn.pdbx_ptnr3_label_comp_id 
_struct_conn.pdbx_ptnr3_label_asym_id 
_struct_conn.pdbx_ptnr3_label_alt_id 
_struct_conn.pdbx_ptnr3_PDB_ins_code 
_struct_conn.details 
_struct_conn.pdbx_dist_value 
_struct_conn.pdbx_value_order 
_struct_conn.pdbx_role 
covale1 covale both ? A DG  1 "O3'" ? ? ? 1_555 A CBR 2 P  ? ? A DG  1 A CBR 2 1_555 ? ? ? ? ? ? ?            1.589 ? ? 
covale2 covale both ? A CBR 2 "O3'" ? ? ? 1_555 A DG  3 P  ? ? A CBR 2 A DG  3 1_555 ? ? ? ? ? ? ?            1.605 ? ? 
covale3 covale both ? B DG  1 "O3'" ? ? ? 1_555 B CBR 2 P  ? ? B DG  1 B CBR 2 1_555 ? ? ? ? ? ? ?            1.591 ? ? 
covale4 covale both ? B CBR 2 "O3'" ? ? ? 1_555 B DG  3 P  ? ? B CBR 2 B DG  3 1_555 ? ? ? ? ? ? ?            1.598 ? ? 
hydrog1 hydrog ?    ? A DG  3 N2    ? ? ? 1_555 A DA  5 N1 ? ? A DG  3 A DA  5 1_555 ? ? ? ? ? ? TYPE_10_PAIR ?     ? ? 
hydrog2 hydrog ?    ? A DG  3 N3    ? ? ? 1_555 A DA  5 N6 ? ? A DG  3 A DA  5 1_555 ? ? ? ? ? ? TYPE_10_PAIR ?     ? ? 
hydrog3 hydrog ?    ? A DG  7 N2    ? ? ? 1_555 B DA  5 N1 ? ? A DG  7 B DA  5 1_555 ? ? ? ? ? ? TYPE_10_PAIR ?     ? ? 
hydrog4 hydrog ?    ? A DG  7 N3    ? ? ? 1_555 B DA  5 N6 ? ? A DG  7 B DA  5 1_555 ? ? ? ? ? ? TYPE_10_PAIR ?     ? ? 
# 
loop_
_struct_conn_type.id 
_struct_conn_type.criteria 
_struct_conn_type.reference 
covale ? ? 
hydrog ? ? 
# 
loop_
_pdbx_validate_rmsd_bond.id 
_pdbx_validate_rmsd_bond.PDB_model_num 
_pdbx_validate_rmsd_bond.auth_atom_id_1 
_pdbx_validate_rmsd_bond.auth_asym_id_1 
_pdbx_validate_rmsd_bond.auth_comp_id_1 
_pdbx_validate_rmsd_bond.auth_seq_id_1 
_pdbx_validate_rmsd_bond.PDB_ins_code_1 
_pdbx_validate_rmsd_bond.label_alt_id_1 
_pdbx_validate_rmsd_bond.auth_atom_id_2 
_pdbx_validate_rmsd_bond.auth_asym_id_2 
_pdbx_validate_rmsd_bond.auth_comp_id_2 
_pdbx_validate_rmsd_bond.auth_seq_id_2 
_pdbx_validate_rmsd_bond.PDB_ins_code_2 
_pdbx_validate_rmsd_bond.label_alt_id_2 
_pdbx_validate_rmsd_bond.bond_value 
_pdbx_validate_rmsd_bond.bond_target_value 
_pdbx_validate_rmsd_bond.bond_deviation 
_pdbx_validate_rmsd_bond.bond_standard_deviation 
_pdbx_validate_rmsd_bond.linker_flag 
1 1 N1    A DG 1 ? ? C2    A DG 1 ? ? 1.321 1.373 -0.052 0.008 N 
2 1 "O3'" A DG 3 ? ? "C3'" A DG 3 ? ? 1.358 1.419 -0.061 0.006 N 
3 1 "O3'" A DC 6 ? ? "C3'" A DC 6 ? ? 1.382 1.419 -0.037 0.006 N 
4 1 "O3'" A DC 8 ? ? "C3'" A DC 8 ? ? 1.366 1.419 -0.053 0.006 N 
5 1 "C1'" B DA 4 ? A N9    B DA 4 ? A 1.336 1.468 -0.132 0.014 N 
6 1 "C1'" B DA 4 ? B N9    B DA 4 ? B 1.380 1.468 -0.088 0.014 N 
7 1 "O3'" B DG 7 ? ? "C3'" B DG 7 ? ? 1.378 1.419 -0.041 0.006 N 
# 
loop_
_pdbx_validate_rmsd_angle.id 
_pdbx_validate_rmsd_angle.PDB_model_num 
_pdbx_validate_rmsd_angle.auth_atom_id_1 
_pdbx_validate_rmsd_angle.auth_asym_id_1 
_pdbx_validate_rmsd_angle.auth_comp_id_1 
_pdbx_validate_rmsd_angle.auth_seq_id_1 
_pdbx_validate_rmsd_angle.PDB_ins_code_1 
_pdbx_validate_rmsd_angle.label_alt_id_1 
_pdbx_validate_rmsd_angle.auth_atom_id_2 
_pdbx_validate_rmsd_angle.auth_asym_id_2 
_pdbx_validate_rmsd_angle.auth_comp_id_2 
_pdbx_validate_rmsd_angle.auth_seq_id_2 
_pdbx_validate_rmsd_angle.PDB_ins_code_2 
_pdbx_validate_rmsd_angle.label_alt_id_2 
_pdbx_validate_rmsd_angle.auth_atom_id_3 
_pdbx_validate_rmsd_angle.auth_asym_id_3 
_pdbx_validate_rmsd_angle.auth_comp_id_3 
_pdbx_validate_rmsd_angle.auth_seq_id_3 
_pdbx_validate_rmsd_angle.PDB_ins_code_3 
_pdbx_validate_rmsd_angle.label_alt_id_3 
_pdbx_validate_rmsd_angle.angle_value 
_pdbx_validate_rmsd_angle.angle_target_value 
_pdbx_validate_rmsd_angle.angle_deviation 
_pdbx_validate_rmsd_angle.angle_standard_deviation 
_pdbx_validate_rmsd_angle.linker_flag 
1  1 "O4'" A DA 5 ? ? "C1'" A DA 5 ? ? N9    A DA 5 ? ? 112.23 108.30 3.93  0.30 N 
2  1 "O4'" A DC 6 ? ? "C1'" A DC 6 ? ? N1    A DC 6 ? ? 111.28 108.30 2.98  0.30 N 
3  1 "O5'" A DC 8 ? ? P     A DC 8 ? ? OP1   A DC 8 ? ? 98.61  105.70 -7.09 0.90 N 
4  1 "O4'" A DC 8 ? ? "C4'" A DC 8 ? ? "C3'" A DC 8 ? ? 99.96  104.50 -4.54 0.40 N 
5  1 "O4'" B DG 1 ? ? "C1'" B DG 1 ? ? N9    B DG 1 ? ? 101.88 108.00 -6.12 0.70 N 
6  1 "O4'" B DG 3 ? ? "C1'" B DG 3 ? ? N9    B DG 3 ? ? 110.38 108.30 2.08  0.30 N 
7  1 "O4'" B DA 4 ? A "C4'" B DA 4 ? A "C3'" B DA 4 ? A 101.87 104.50 -2.63 0.40 N 
8  1 N9    B DA 4 ? A "C1'" B DA 4 ? A "C2'" B DA 4 ? A 134.20 114.30 19.90 1.40 N 
9  1 "O4'" B DA 4 ? A "C1'" B DA 4 ? A N9    B DA 4 ? A 101.87 108.00 -6.13 0.70 N 
10 1 "O4'" B DA 4 ? B "C1'" B DA 4 ? B N9    B DA 4 ? B 124.67 108.30 16.37 0.30 N 
11 1 "O4'" B DA 5 ? ? "C1'" B DA 5 ? ? N9    B DA 5 ? ? 116.27 108.30 7.97  0.30 N 
12 1 "O4'" B DC 6 ? ? "C1'" B DC 6 ? ? N1    B DC 6 ? ? 110.22 108.30 1.92  0.30 N 
# 
loop_
_pdbx_struct_mod_residue.id 
_pdbx_struct_mod_residue.label_asym_id 
_pdbx_struct_mod_residue.label_comp_id 
_pdbx_struct_mod_residue.label_seq_id 
_pdbx_struct_mod_residue.auth_asym_id 
_pdbx_struct_mod_residue.auth_comp_id 
_pdbx_struct_mod_residue.auth_seq_id 
_pdbx_struct_mod_residue.PDB_ins_code 
_pdbx_struct_mod_residue.parent_comp_id 
_pdbx_struct_mod_residue.details 
1 A CBR 2 A CBR 2 ? DC ? 
2 B CBR 2 B CBR 2 ? DC ? 
# 
loop_
_chem_comp_atom.comp_id 
_chem_comp_atom.atom_id 
_chem_comp_atom.type_symbol 
_chem_comp_atom.pdbx_aromatic_flag 
_chem_comp_atom.pdbx_stereo_config 
_chem_comp_atom.pdbx_ordinal 
CBR BR     BR N N 1   
CBR P      P  N N 2   
CBR OP1    O  N N 3   
CBR OP2    O  N N 4   
CBR "O5'"  O  N N 5   
CBR N1     N  N N 6   
CBR C6     C  N N 7   
CBR C2     C  N N 8   
CBR O2     O  N N 9   
CBR N3     N  N N 10  
CBR C4     C  N N 11  
CBR N4     N  N N 12  
CBR C5     C  N N 13  
CBR "C2'"  C  N N 14  
CBR "C5'"  C  N N 15  
CBR "C4'"  C  N R 16  
CBR "O4'"  O  N N 17  
CBR "C1'"  C  N R 18  
CBR "C3'"  C  N S 19  
CBR "O3'"  O  N N 20  
CBR OP3    O  N N 21  
CBR HOP2   H  N N 22  
CBR H6     H  N N 23  
CBR H41    H  N N 24  
CBR H42    H  N N 25  
CBR "H2'"  H  N N 26  
CBR "H2''" H  N N 27  
CBR "H5'"  H  N N 28  
CBR "H5''" H  N N 29  
CBR "H4'"  H  N N 30  
CBR "H1'"  H  N N 31  
CBR "H3'"  H  N N 32  
CBR "HO3'" H  N N 33  
CBR HOP3   H  N N 34  
DA  OP3    O  N N 35  
DA  P      P  N N 36  
DA  OP1    O  N N 37  
DA  OP2    O  N N 38  
DA  "O5'"  O  N N 39  
DA  "C5'"  C  N N 40  
DA  "C4'"  C  N R 41  
DA  "O4'"  O  N N 42  
DA  "C3'"  C  N S 43  
DA  "O3'"  O  N N 44  
DA  "C2'"  C  N N 45  
DA  "C1'"  C  N R 46  
DA  N9     N  Y N 47  
DA  C8     C  Y N 48  
DA  N7     N  Y N 49  
DA  C5     C  Y N 50  
DA  C6     C  Y N 51  
DA  N6     N  N N 52  
DA  N1     N  Y N 53  
DA  C2     C  Y N 54  
DA  N3     N  Y N 55  
DA  C4     C  Y N 56  
DA  HOP3   H  N N 57  
DA  HOP2   H  N N 58  
DA  "H5'"  H  N N 59  
DA  "H5''" H  N N 60  
DA  "H4'"  H  N N 61  
DA  "H3'"  H  N N 62  
DA  "HO3'" H  N N 63  
DA  "H2'"  H  N N 64  
DA  "H2''" H  N N 65  
DA  "H1'"  H  N N 66  
DA  H8     H  N N 67  
DA  H61    H  N N 68  
DA  H62    H  N N 69  
DA  H2     H  N N 70  
DC  OP3    O  N N 71  
DC  P      P  N N 72  
DC  OP1    O  N N 73  
DC  OP2    O  N N 74  
DC  "O5'"  O  N N 75  
DC  "C5'"  C  N N 76  
DC  "C4'"  C  N R 77  
DC  "O4'"  O  N N 78  
DC  "C3'"  C  N S 79  
DC  "O3'"  O  N N 80  
DC  "C2'"  C  N N 81  
DC  "C1'"  C  N R 82  
DC  N1     N  N N 83  
DC  C2     C  N N 84  
DC  O2     O  N N 85  
DC  N3     N  N N 86  
DC  C4     C  N N 87  
DC  N4     N  N N 88  
DC  C5     C  N N 89  
DC  C6     C  N N 90  
DC  HOP3   H  N N 91  
DC  HOP2   H  N N 92  
DC  "H5'"  H  N N 93  
DC  "H5''" H  N N 94  
DC  "H4'"  H  N N 95  
DC  "H3'"  H  N N 96  
DC  "HO3'" H  N N 97  
DC  "H2'"  H  N N 98  
DC  "H2''" H  N N 99  
DC  "H1'"  H  N N 100 
DC  H41    H  N N 101 
DC  H42    H  N N 102 
DC  H5     H  N N 103 
DC  H6     H  N N 104 
DG  OP3    O  N N 105 
DG  P      P  N N 106 
DG  OP1    O  N N 107 
DG  OP2    O  N N 108 
DG  "O5'"  O  N N 109 
DG  "C5'"  C  N N 110 
DG  "C4'"  C  N R 111 
DG  "O4'"  O  N N 112 
DG  "C3'"  C  N S 113 
DG  "O3'"  O  N N 114 
DG  "C2'"  C  N N 115 
DG  "C1'"  C  N R 116 
DG  N9     N  Y N 117 
DG  C8     C  Y N 118 
DG  N7     N  Y N 119 
DG  C5     C  Y N 120 
DG  C6     C  N N 121 
DG  O6     O  N N 122 
DG  N1     N  N N 123 
DG  C2     C  N N 124 
DG  N2     N  N N 125 
DG  N3     N  N N 126 
DG  C4     C  Y N 127 
DG  HOP3   H  N N 128 
DG  HOP2   H  N N 129 
DG  "H5'"  H  N N 130 
DG  "H5''" H  N N 131 
DG  "H4'"  H  N N 132 
DG  "H3'"  H  N N 133 
DG  "HO3'" H  N N 134 
DG  "H2'"  H  N N 135 
DG  "H2''" H  N N 136 
DG  "H1'"  H  N N 137 
DG  H8     H  N N 138 
DG  H1     H  N N 139 
DG  H21    H  N N 140 
DG  H22    H  N N 141 
HOH O      O  N N 142 
HOH H1     H  N N 143 
HOH H2     H  N N 144 
# 
loop_
_chem_comp_bond.comp_id 
_chem_comp_bond.atom_id_1 
_chem_comp_bond.atom_id_2 
_chem_comp_bond.value_order 
_chem_comp_bond.pdbx_aromatic_flag 
_chem_comp_bond.pdbx_stereo_config 
_chem_comp_bond.pdbx_ordinal 
CBR BR    C5     sing N N 1   
CBR P     OP1    doub N N 2   
CBR P     OP2    sing N N 3   
CBR P     "O5'"  sing N N 4   
CBR P     OP3    sing N N 5   
CBR OP2   HOP2   sing N N 6   
CBR "O5'" "C5'"  sing N N 7   
CBR N1    C6     sing N N 8   
CBR N1    C2     sing N N 9   
CBR N1    "C1'"  sing N N 10  
CBR C6    C5     doub N N 11  
CBR C6    H6     sing N N 12  
CBR C2    O2     doub N N 13  
CBR C2    N3     sing N N 14  
CBR N3    C4     doub N N 15  
CBR C4    N4     sing N N 16  
CBR C4    C5     sing N N 17  
CBR N4    H41    sing N N 18  
CBR N4    H42    sing N N 19  
CBR "C2'" "C1'"  sing N N 20  
CBR "C2'" "C3'"  sing N N 21  
CBR "C2'" "H2'"  sing N N 22  
CBR "C2'" "H2''" sing N N 23  
CBR "C5'" "C4'"  sing N N 24  
CBR "C5'" "H5'"  sing N N 25  
CBR "C5'" "H5''" sing N N 26  
CBR "C4'" "O4'"  sing N N 27  
CBR "C4'" "C3'"  sing N N 28  
CBR "C4'" "H4'"  sing N N 29  
CBR "O4'" "C1'"  sing N N 30  
CBR "C1'" "H1'"  sing N N 31  
CBR "C3'" "O3'"  sing N N 32  
CBR "C3'" "H3'"  sing N N 33  
CBR "O3'" "HO3'" sing N N 34  
CBR OP3   HOP3   sing N N 35  
DA  OP3   P      sing N N 36  
DA  OP3   HOP3   sing N N 37  
DA  P     OP1    doub N N 38  
DA  P     OP2    sing N N 39  
DA  P     "O5'"  sing N N 40  
DA  OP2   HOP2   sing N N 41  
DA  "O5'" "C5'"  sing N N 42  
DA  "C5'" "C4'"  sing N N 43  
DA  "C5'" "H5'"  sing N N 44  
DA  "C5'" "H5''" sing N N 45  
DA  "C4'" "O4'"  sing N N 46  
DA  "C4'" "C3'"  sing N N 47  
DA  "C4'" "H4'"  sing N N 48  
DA  "O4'" "C1'"  sing N N 49  
DA  "C3'" "O3'"  sing N N 50  
DA  "C3'" "C2'"  sing N N 51  
DA  "C3'" "H3'"  sing N N 52  
DA  "O3'" "HO3'" sing N N 53  
DA  "C2'" "C1'"  sing N N 54  
DA  "C2'" "H2'"  sing N N 55  
DA  "C2'" "H2''" sing N N 56  
DA  "C1'" N9     sing N N 57  
DA  "C1'" "H1'"  sing N N 58  
DA  N9    C8     sing Y N 59  
DA  N9    C4     sing Y N 60  
DA  C8    N7     doub Y N 61  
DA  C8    H8     sing N N 62  
DA  N7    C5     sing Y N 63  
DA  C5    C6     sing Y N 64  
DA  C5    C4     doub Y N 65  
DA  C6    N6     sing N N 66  
DA  C6    N1     doub Y N 67  
DA  N6    H61    sing N N 68  
DA  N6    H62    sing N N 69  
DA  N1    C2     sing Y N 70  
DA  C2    N3     doub Y N 71  
DA  C2    H2     sing N N 72  
DA  N3    C4     sing Y N 73  
DC  OP3   P      sing N N 74  
DC  OP3   HOP3   sing N N 75  
DC  P     OP1    doub N N 76  
DC  P     OP2    sing N N 77  
DC  P     "O5'"  sing N N 78  
DC  OP2   HOP2   sing N N 79  
DC  "O5'" "C5'"  sing N N 80  
DC  "C5'" "C4'"  sing N N 81  
DC  "C5'" "H5'"  sing N N 82  
DC  "C5'" "H5''" sing N N 83  
DC  "C4'" "O4'"  sing N N 84  
DC  "C4'" "C3'"  sing N N 85  
DC  "C4'" "H4'"  sing N N 86  
DC  "O4'" "C1'"  sing N N 87  
DC  "C3'" "O3'"  sing N N 88  
DC  "C3'" "C2'"  sing N N 89  
DC  "C3'" "H3'"  sing N N 90  
DC  "O3'" "HO3'" sing N N 91  
DC  "C2'" "C1'"  sing N N 92  
DC  "C2'" "H2'"  sing N N 93  
DC  "C2'" "H2''" sing N N 94  
DC  "C1'" N1     sing N N 95  
DC  "C1'" "H1'"  sing N N 96  
DC  N1    C2     sing N N 97  
DC  N1    C6     sing N N 98  
DC  C2    O2     doub N N 99  
DC  C2    N3     sing N N 100 
DC  N3    C4     doub N N 101 
DC  C4    N4     sing N N 102 
DC  C4    C5     sing N N 103 
DC  N4    H41    sing N N 104 
DC  N4    H42    sing N N 105 
DC  C5    C6     doub N N 106 
DC  C5    H5     sing N N 107 
DC  C6    H6     sing N N 108 
DG  OP3   P      sing N N 109 
DG  OP3   HOP3   sing N N 110 
DG  P     OP1    doub N N 111 
DG  P     OP2    sing N N 112 
DG  P     "O5'"  sing N N 113 
DG  OP2   HOP2   sing N N 114 
DG  "O5'" "C5'"  sing N N 115 
DG  "C5'" "C4'"  sing N N 116 
DG  "C5'" "H5'"  sing N N 117 
DG  "C5'" "H5''" sing N N 118 
DG  "C4'" "O4'"  sing N N 119 
DG  "C4'" "C3'"  sing N N 120 
DG  "C4'" "H4'"  sing N N 121 
DG  "O4'" "C1'"  sing N N 122 
DG  "C3'" "O3'"  sing N N 123 
DG  "C3'" "C2'"  sing N N 124 
DG  "C3'" "H3'"  sing N N 125 
DG  "O3'" "HO3'" sing N N 126 
DG  "C2'" "C1'"  sing N N 127 
DG  "C2'" "H2'"  sing N N 128 
DG  "C2'" "H2''" sing N N 129 
DG  "C1'" N9     sing N N 130 
DG  "C1'" "H1'"  sing N N 131 
DG  N9    C8     sing Y N 132 
DG  N9    C4     sing Y N 133 
DG  C8    N7     doub Y N 134 
DG  C8    H8     sing N N 135 
DG  N7    C5     sing Y N 136 
DG  C5    C6     sing N N 137 
DG  C5    C4     doub Y N 138 
DG  C6    O6     doub N N 139 
DG  C6    N1     sing N N 140 
DG  N1    C2     sing N N 141 
DG  N1    H1     sing N N 142 
DG  C2    N2     sing N N 143 
DG  C2    N3     doub N N 144 
DG  N2    H21    sing N N 145 
DG  N2    H22    sing N N 146 
DG  N3    C4     sing N N 147 
HOH O     H1     sing N N 148 
HOH O     H2     sing N N 149 
# 
_ndb_struct_conf_na.entry_id   2GOT 
_ndb_struct_conf_na.feature    'double helix' 
# 
loop_
_ndb_struct_na_base_pair.model_number 
_ndb_struct_na_base_pair.i_label_asym_id 
_ndb_struct_na_base_pair.i_label_comp_id 
_ndb_struct_na_base_pair.i_label_seq_id 
_ndb_struct_na_base_pair.i_symmetry 
_ndb_struct_na_base_pair.j_label_asym_id 
_ndb_struct_na_base_pair.j_label_comp_id 
_ndb_struct_na_base_pair.j_label_seq_id 
_ndb_struct_na_base_pair.j_symmetry 
_ndb_struct_na_base_pair.shear 
_ndb_struct_na_base_pair.stretch 
_ndb_struct_na_base_pair.stagger 
_ndb_struct_na_base_pair.buckle 
_ndb_struct_na_base_pair.propeller 
_ndb_struct_na_base_pair.opening 
_ndb_struct_na_base_pair.pair_number 
_ndb_struct_na_base_pair.pair_name 
_ndb_struct_na_base_pair.i_auth_asym_id 
_ndb_struct_na_base_pair.i_auth_seq_id 
_ndb_struct_na_base_pair.i_PDB_ins_code 
_ndb_struct_na_base_pair.j_auth_asym_id 
_ndb_struct_na_base_pair.j_auth_seq_id 
_ndb_struct_na_base_pair.j_PDB_ins_code 
_ndb_struct_na_base_pair.hbond_type_28 
_ndb_struct_na_base_pair.hbond_type_12 
1 A DG 3 1_555 A DA 5 1_555 3.313 -3.821 0.102 15.968 -14.830 -60.663 1 A_DG3:DA5_A A 3 ? A 5 ? 10 6 
1 A DG 7 1_555 B DA 5 1_555 3.057 -3.893 0.156 16.249 -21.854 -65.194 2 A_DG7:DA5_B A 7 ? B 5 ? 10 6 
# 
_atom_sites.entry_id                    2GOT 
_atom_sites.fract_transf_matrix[1][1]   0.00446804 
_atom_sites.fract_transf_matrix[1][2]   0.01256549 
_atom_sites.fract_transf_matrix[1][3]   0.04091961 
_atom_sites.fract_transf_matrix[2][1]   0.03705303 
_atom_sites.fract_transf_matrix[2][2]   -0.00701235 
_atom_sites.fract_transf_matrix[2][3]   0.02074052 
_atom_sites.fract_transf_matrix[3][1]   0.00150807 
_atom_sites.fract_transf_matrix[3][2]   0.00392064 
_atom_sites.fract_transf_matrix[3][3]   -0.00136861 
_atom_sites.fract_transf_vector[1]      0.907186 
_atom_sites.fract_transf_vector[2]      0.287183 
_atom_sites.fract_transf_vector[3]      0.051416 
# 
loop_
_atom_type.symbol 
BR 
C  
N  
O  
P  
# 
loop_
_atom_site.group_PDB 
_atom_site.id 
_atom_site.type_symbol 
_atom_site.label_atom_id 
_atom_site.label_alt_id 
_atom_site.label_comp_id 
_atom_site.label_asym_id 
_atom_site.label_entity_id 
_atom_site.label_seq_id 
_atom_site.pdbx_PDB_ins_code 
_atom_site.Cartn_x 
_atom_site.Cartn_y 
_atom_site.Cartn_z 
_atom_site.occupancy 
_atom_site.B_iso_or_equiv 
_atom_site.pdbx_formal_charge 
_atom_site.auth_seq_id 
_atom_site.auth_comp_id 
_atom_site.auth_asym_id 
_atom_site.auth_atom_id 
_atom_site.pdbx_PDB_model_num 
ATOM   1   O  "O5'" . DG  A 1 1 ? -3.920  15.203  -11.599 1.00 49.77 ? 1  DG  A "O5'" 1 
ATOM   2   C  "C5'" . DG  A 1 1 ? -3.584  13.845  -11.926 1.00 46.92 ? 1  DG  A "C5'" 1 
ATOM   3   C  "C4'" . DG  A 1 1 ? -2.137  13.728  -12.413 1.00 44.96 ? 1  DG  A "C4'" 1 
ATOM   4   O  "O4'" . DG  A 1 1 ? -1.191  13.915  -11.313 1.00 42.29 ? 1  DG  A "O4'" 1 
ATOM   5   C  "C3'" . DG  A 1 1 ? -1.742  12.360  -12.952 1.00 43.41 ? 1  DG  A "C3'" 1 
ATOM   6   O  "O3'" . DG  A 1 1 ? -0.638  12.565  -13.775 1.00 45.79 ? 1  DG  A "O3'" 1 
ATOM   7   C  "C2'" . DG  A 1 1 ? -1.443  11.599  -11.665 1.00 40.70 ? 1  DG  A "C2'" 1 
ATOM   8   C  "C1'" . DG  A 1 1 ? -0.708  12.670  -10.842 1.00 36.57 ? 1  DG  A "C1'" 1 
ATOM   9   N  N9    . DG  A 1 1 ? -0.913  12.725  -9.398  1.00 27.50 ? 1  DG  A N9    1 
ATOM   10  C  C8    . DG  A 1 1 ? -2.073  12.563  -8.676  1.00 24.66 ? 1  DG  A C8    1 
ATOM   11  N  N7    . DG  A 1 1 ? -1.937  12.696  -7.366  1.00 20.75 ? 1  DG  A N7    1 
ATOM   12  C  C5    . DG  A 1 1 ? -0.576  12.964  -7.237  1.00 20.55 ? 1  DG  A C5    1 
ATOM   13  C  C6    . DG  A 1 1 ? 0.192   13.212  -6.104  1.00 16.71 ? 1  DG  A C6    1 
ATOM   14  O  O6    . DG  A 1 1 ? -0.161  13.262  -4.929  1.00 20.59 ? 1  DG  A O6    1 
ATOM   15  N  N1    . DG  A 1 1 ? 1.501   13.469  -6.390  1.00 12.62 ? 1  DG  A N1    1 
ATOM   16  C  C2    . DG  A 1 1 ? 2.064   13.446  -7.586  1.00 12.78 ? 1  DG  A C2    1 
ATOM   17  N  N2    . DG  A 1 1 ? 3.361   13.711  -7.568  1.00 8.83  ? 1  DG  A N2    1 
ATOM   18  N  N3    . DG  A 1 1 ? 1.394   13.224  -8.695  1.00 20.96 ? 1  DG  A N3    1 
ATOM   19  C  C4    . DG  A 1 1 ? 0.069   12.987  -8.451  1.00 23.01 ? 1  DG  A C4    1 
HETATM 20  BR BR    . CBR A 1 2 ? -1.472  9.018   -8.823  1.00 50.83 ? 2  CBR A BR    1 
HETATM 21  P  P     . CBR A 1 2 ? -0.026  11.371  -14.627 1.00 51.85 ? 2  CBR A P     1 
HETATM 22  O  OP1   . CBR A 1 2 ? 0.388   12.037  -15.894 1.00 48.60 ? 2  CBR A OP1   1 
HETATM 23  O  OP2   . CBR A 1 2 ? -0.911  10.177  -14.436 1.00 48.35 ? 2  CBR A OP2   1 
HETATM 24  O  "O5'" . CBR A 1 2 ? 1.326   10.976  -13.871 1.00 51.03 ? 2  CBR A "O5'" 1 
HETATM 25  N  N1    . CBR A 1 2 ? 2.321   9.953   -9.555  1.00 38.07 ? 2  CBR A N1    1 
HETATM 26  C  C6    . CBR A 1 2 ? 1.026   9.606   -9.662  1.00 35.69 ? 2  CBR A C6    1 
HETATM 27  C  C2    . CBR A 1 2 ? 2.942   10.157  -8.308  1.00 34.51 ? 2  CBR A C2    1 
HETATM 28  O  O2    . CBR A 1 2 ? 4.142   10.456  -8.260  1.00 30.26 ? 2  CBR A O2    1 
HETATM 29  N  N3    . CBR A 1 2 ? 2.200   10.001  -7.193  1.00 32.05 ? 2  CBR A N3    1 
HETATM 30  C  C4    . CBR A 1 2 ? 0.910   9.666   -7.298  1.00 34.57 ? 2  CBR A C4    1 
HETATM 31  N  N4    . CBR A 1 2 ? 0.231   9.559   -6.140  1.00 28.89 ? 2  CBR A N4    1 
HETATM 32  C  C5    . CBR A 1 2 ? 0.288   9.461   -8.583  1.00 35.89 ? 2  CBR A C5    1 
HETATM 33  C  "C2'" . CBR A 1 2 ? 3.114   9.032   -11.828 1.00 46.54 ? 2  CBR A "C2'" 1 
HETATM 34  C  "C5'" . CBR A 1 2 ? 2.453   11.858  -13.777 1.00 50.44 ? 2  CBR A "C5'" 1 
HETATM 35  C  "C4'" . CBR A 1 2 ? 3.343   11.311  -12.683 1.00 48.88 ? 2  CBR A "C4'" 1 
HETATM 36  O  "O4'" . CBR A 1 2 ? 2.559   11.211  -11.466 1.00 47.21 ? 2  CBR A "O4'" 1 
HETATM 37  C  "C1'" . CBR A 1 2 ? 3.109   10.125  -10.772 1.00 44.41 ? 2  CBR A "C1'" 1 
HETATM 38  C  "C3'" . CBR A 1 2 ? 3.776   9.868   -12.942 1.00 48.80 ? 2  CBR A "C3'" 1 
HETATM 39  O  "O3'" . CBR A 1 2 ? 5.189   9.745   -12.996 1.00 49.42 ? 2  CBR A "O3'" 1 
ATOM   40  P  P     . DG  A 1 3 ? 5.738   8.491   -13.835 1.00 51.52 ? 3  DG  A P     1 
ATOM   41  O  OP1   . DG  A 1 3 ? 6.442   9.153   -14.967 1.00 49.79 ? 3  DG  A OP1   1 
ATOM   42  O  OP2   . DG  A 1 3 ? 4.651   7.448   -13.933 1.00 47.66 ? 3  DG  A OP2   1 
ATOM   43  O  "O5'" . DG  A 1 3 ? 6.869   7.825   -12.939 1.00 45.91 ? 3  DG  A "O5'" 1 
ATOM   44  C  "C5'" . DG  A 1 3 ? 7.724   8.638   -12.148 1.00 42.30 ? 3  DG  A "C5'" 1 
ATOM   45  C  "C4'" . DG  A 1 3 ? 8.089   7.874   -10.890 1.00 38.11 ? 3  DG  A "C4'" 1 
ATOM   46  O  "O4'" . DG  A 1 3 ? 7.007   7.771   -9.936  1.00 34.29 ? 3  DG  A "O4'" 1 
ATOM   47  C  "C3'" . DG  A 1 3 ? 8.465   6.436   -11.191 1.00 34.85 ? 3  DG  A "C3'" 1 
ATOM   48  O  "O3'" . DG  A 1 3 ? 9.481   6.162   -10.333 1.00 32.80 ? 3  DG  A "O3'" 1 
ATOM   49  C  "C2'" . DG  A 1 3 ? 7.214   5.636   -10.903 1.00 34.11 ? 3  DG  A "C2'" 1 
ATOM   50  C  "C1'" . DG  A 1 3 ? 6.719   6.418   -9.708  1.00 33.47 ? 3  DG  A "C1'" 1 
ATOM   51  N  N9    . DG  A 1 3 ? 5.300   6.326   -9.454  1.00 33.15 ? 3  DG  A N9    1 
ATOM   52  C  C8    . DG  A 1 3 ? 4.292   6.017   -10.316 1.00 34.34 ? 3  DG  A C8    1 
ATOM   53  N  N7    . DG  A 1 3 ? 3.117   6.066   -9.772  1.00 33.96 ? 3  DG  A N7    1 
ATOM   54  C  C5    . DG  A 1 3 ? 3.376   6.409   -8.455  1.00 31.20 ? 3  DG  A C5    1 
ATOM   55  C  C6    . DG  A 1 3 ? 2.496   6.598   -7.386  1.00 30.50 ? 3  DG  A C6    1 
ATOM   56  O  O6    . DG  A 1 3 ? 1.251   6.474   -7.352  1.00 30.38 ? 3  DG  A O6    1 
ATOM   57  N  N1    . DG  A 1 3 ? 3.193   6.944   -6.247  1.00 29.42 ? 3  DG  A N1    1 
ATOM   58  C  C2    . DG  A 1 3 ? 4.553   7.107   -6.135  1.00 28.59 ? 3  DG  A C2    1 
ATOM   59  N  N2    . DG  A 1 3 ? 5.047   7.473   -4.947  1.00 24.06 ? 3  DG  A N2    1 
ATOM   60  N  N3    . DG  A 1 3 ? 5.376   6.946   -7.125  1.00 30.14 ? 3  DG  A N3    1 
ATOM   61  C  C4    . DG  A 1 3 ? 4.708   6.584   -8.245  1.00 32.06 ? 3  DG  A C4    1 
ATOM   62  P  P     A DA  A 1 4 ? 10.843  5.687   -10.961 0.50 32.52 ? 4  DA  A P     1 
ATOM   63  P  P     B DA  A 1 4 ? 10.825  5.614   -10.928 0.50 30.10 ? 4  DA  A P     1 
ATOM   64  O  OP1   A DA  A 1 4 ? 11.453  6.830   -11.658 0.50 33.27 ? 4  DA  A OP1   1 
ATOM   65  O  OP1   B DA  A 1 4 ? 11.508  6.712   -11.629 0.50 30.87 ? 4  DA  A OP1   1 
ATOM   66  O  OP2   A DA  A 1 4 ? 10.487  4.421   -11.629 0.50 33.55 ? 4  DA  A OP2   1 
ATOM   67  O  OP2   B DA  A 1 4 ? 10.396  4.352   -11.559 0.50 30.49 ? 4  DA  A OP2   1 
ATOM   68  O  "O5'" A DA  A 1 4 ? 11.699  5.419   -9.668  0.50 31.26 ? 4  DA  A "O5'" 1 
ATOM   69  O  "O5'" B DA  A 1 4 ? 11.640  5.335   -9.609  0.50 27.94 ? 4  DA  A "O5'" 1 
ATOM   70  C  "C5'" A DA  A 1 4 ? 12.584  6.372   -9.161  0.50 30.11 ? 4  DA  A "C5'" 1 
ATOM   71  C  "C5'" B DA  A 1 4 ? 12.550  6.264   -9.106  0.50 25.99 ? 4  DA  A "C5'" 1 
ATOM   72  C  "C4'" A DA  A 1 4 ? 13.048  5.854   -7.818  0.50 28.59 ? 4  DA  A "C4'" 1 
ATOM   73  C  "C4'" B DA  A 1 4 ? 12.960  5.768   -7.737  0.50 24.14 ? 4  DA  A "C4'" 1 
ATOM   74  O  "O4'" A DA  A 1 4 ? 11.856  5.566   -7.063  0.50 27.46 ? 4  DA  A "O4'" 1 
ATOM   75  O  "O4'" B DA  A 1 4 ? 11.757  5.699   -6.947  0.50 22.45 ? 4  DA  A "O4'" 1 
ATOM   76  C  "C3'" A DA  A 1 4 ? 13.809  4.544   -7.871  0.50 27.08 ? 4  DA  A "C3'" 1 
ATOM   77  C  "C3'" B DA  A 1 4 ? 13.515  4.360   -7.707  0.50 22.86 ? 4  DA  A "C3'" 1 
ATOM   78  O  "O3'" A DA  A 1 4 ? 14.693  4.422   -6.786  0.50 29.60 ? 4  DA  A "O3'" 1 
ATOM   79  O  "O3'" B DA  A 1 4 ? 14.449  4.221   -6.636  0.50 27.29 ? 4  DA  A "O3'" 1 
ATOM   80  C  "C2'" A DA  A 1 4 ? 12.682  3.521   -7.804  0.50 25.24 ? 4  DA  A "C2'" 1 
ATOM   81  C  "C2'" B DA  A 1 4 ? 12.229  3.553   -7.516  0.50 20.38 ? 4  DA  A "C2'" 1 
ATOM   82  C  "C1'" A DA  A 1 4 ? 11.746  4.185   -6.808  0.50 26.08 ? 4  DA  A "C1'" 1 
ATOM   83  C  "C1'" B DA  A 1 4 ? 11.601  4.398   -6.418  0.50 20.22 ? 4  DA  A "C1'" 1 
ATOM   84  N  N9    A DA  A 1 4 ? 10.324  3.846   -6.851  0.50 25.73 ? 4  DA  A N9    1 
ATOM   85  N  N9    B DA  A 1 4 ? 10.192  4.222   -6.044  0.50 16.50 ? 4  DA  A N9    1 
ATOM   86  C  C8    A DA  A 1 4 ? 9.420   4.078   -5.849  0.50 23.85 ? 4  DA  A C8    1 
ATOM   87  C  C8    B DA  A 1 4 ? 9.155   3.824   -6.832  0.50 16.29 ? 4  DA  A C8    1 
ATOM   88  N  N7    A DA  A 1 4 ? 8.205   3.676   -6.144  0.50 25.41 ? 4  DA  A N7    1 
ATOM   89  N  N7    B DA  A 1 4 ? 8.006   3.770   -6.207  0.50 15.69 ? 4  DA  A N7    1 
ATOM   90  C  C5    A DA  A 1 4 ? 8.314   3.148   -7.421  0.50 26.88 ? 4  DA  A C5    1 
ATOM   91  C  C5    B DA  A 1 4 ? 8.296   4.181   -4.911  0.50 14.17 ? 4  DA  A C5    1 
ATOM   92  C  C6    A DA  A 1 4 ? 7.393   2.560   -8.321  0.50 28.18 ? 4  DA  A C6    1 
ATOM   93  C  C6    B DA  A 1 4 ? 7.508   4.351   -3.743  0.50 12.96 ? 4  DA  A C6    1 
ATOM   94  N  N6    A DA  A 1 4 ? 6.102   2.401   -8.046  0.50 28.35 ? 4  DA  A N6    1 
ATOM   95  N  N6    B DA  A 1 4 ? 6.189   4.146   -3.667  0.50 12.91 ? 4  DA  A N6    1 
ATOM   96  N  N1    A DA  A 1 4 ? 7.829   2.147   -9.536  0.50 28.99 ? 4  DA  A N1    1 
ATOM   97  N  N1    B DA  A 1 4 ? 8.111   4.770   -2.623  0.50 12.93 ? 4  DA  A N1    1 
ATOM   98  C  C2    A DA  A 1 4 ? 9.115   2.297   -9.834  0.50 28.72 ? 4  DA  A C2    1 
ATOM   99  C  C2    B DA  A 1 4 ? 9.427   4.996   -2.668  0.50 15.97 ? 4  DA  A C2    1 
ATOM   100 N  N3    A DA  A 1 4 ? 10.072  2.825   -9.076  0.50 29.15 ? 4  DA  A N3    1 
ATOM   101 N  N3    B DA  A 1 4 ? 10.274  4.877   -3.705  0.50 16.55 ? 4  DA  A N3    1 
ATOM   102 C  C4    A DA  A 1 4 ? 9.615   3.243   -7.874  0.50 27.18 ? 4  DA  A C4    1 
ATOM   103 C  C4    B DA  A 1 4 ? 9.641   4.464   -4.811  0.50 14.66 ? 4  DA  A C4    1 
ATOM   104 P  P     A DA  A 1 5 ? 15.877  5.466   -6.489  0.50 33.41 ? 5  DA  A P     1 
ATOM   105 P  P     B DA  A 1 5 ? 15.700  5.206   -6.369  0.50 33.54 ? 5  DA  A P     1 
ATOM   106 O  OP1   A DA  A 1 5 ? 16.015  6.463   -7.572  0.50 33.50 ? 5  DA  A OP1   1 
ATOM   107 O  OP1   B DA  A 1 5 ? 16.049  5.955   -7.597  0.50 33.83 ? 5  DA  A OP1   1 
ATOM   108 O  OP2   A DA  A 1 5 ? 17.021  4.631   -6.062  0.50 33.75 ? 5  DA  A OP2   1 
ATOM   109 O  OP2   B DA  A 1 5 ? 16.725  4.377   -5.681  0.50 33.73 ? 5  DA  A OP2   1 
ATOM   110 O  "O5'" A DA  A 1 5 ? 15.215  6.227   -5.242  0.50 33.80 ? 5  DA  A "O5'" 1 
ATOM   111 O  "O5'" B DA  A 1 5 ? 15.062  6.269   -5.335  0.50 33.80 ? 5  DA  A "O5'" 1 
ATOM   112 C  "C5'" A DA  A 1 5 ? 15.936  7.200   -4.543  0.50 33.97 ? 5  DA  A "C5'" 1 
ATOM   113 C  "C5'" B DA  A 1 5 ? 15.868  7.169   -4.583  0.50 34.17 ? 5  DA  A "C5'" 1 
ATOM   114 C  "C4'" . DA  A 1 5 ? 15.092  7.896   -3.484  1.00 33.20 ? 5  DA  A "C4'" 1 
ATOM   115 O  "O4'" . DA  A 1 5 ? 14.071  8.732   -4.054  1.00 33.00 ? 5  DA  A "O4'" 1 
ATOM   116 C  "C3'" . DA  A 1 5 ? 14.336  7.011   -2.534  1.00 32.34 ? 5  DA  A "C3'" 1 
ATOM   117 O  "O3'" . DA  A 1 5 ? 14.379  7.665   -1.272  1.00 33.51 ? 5  DA  A "O3'" 1 
ATOM   118 C  "C2'" . DA  A 1 5 ? 12.937  6.933   -3.098  1.00 30.54 ? 5  DA  A "C2'" 1 
ATOM   119 C  "C1'" . DA  A 1 5 ? 12.766  8.331   -3.664  1.00 31.11 ? 5  DA  A "C1'" 1 
ATOM   120 N  N9    . DA  A 1 5 ? 11.810  8.354   -4.797  1.00 28.34 ? 5  DA  A N9    1 
ATOM   121 C  C8    . DA  A 1 5 ? 12.032  8.551   -6.127  1.00 26.66 ? 5  DA  A C8    1 
ATOM   122 N  N7    . DA  A 1 5 ? 10.968  8.479   -6.860  1.00 26.08 ? 5  DA  A N7    1 
ATOM   123 C  C5    . DA  A 1 5 ? 9.976   8.219   -5.943  1.00 24.75 ? 5  DA  A C5    1 
ATOM   124 C  C6    . DA  A 1 5 ? 8.601   8.004   -6.065  1.00 24.34 ? 5  DA  A C6    1 
ATOM   125 N  N6    . DA  A 1 5 ? 7.937   8.045   -7.216  1.00 27.15 ? 5  DA  A N6    1 
ATOM   126 N  N1    . DA  A 1 5 ? 7.906   7.723   -4.966  1.00 23.43 ? 5  DA  A N1    1 
ATOM   127 C  C2    . DA  A 1 5 ? 8.538   7.701   -3.799  1.00 23.43 ? 5  DA  A C2    1 
ATOM   128 N  N3    . DA  A 1 5 ? 9.819   7.864   -3.545  1.00 25.59 ? 5  DA  A N3    1 
ATOM   129 C  C4    . DA  A 1 5 ? 10.478  8.125   -4.682  1.00 25.70 ? 5  DA  A C4    1 
ATOM   130 P  P     . DC  A 1 6 ? 14.945  6.879   0.021   1.00 36.95 ? 6  DC  A P     1 
ATOM   131 O  OP1   . DC  A 1 6 ? 14.955  8.007   0.987   1.00 38.50 ? 6  DC  A OP1   1 
ATOM   132 O  OP2   . DC  A 1 6 ? 16.159  6.042   -0.332  1.00 29.31 ? 6  DC  A OP2   1 
ATOM   133 O  "O5'" . DC  A 1 6 ? 13.803  5.830   0.369   1.00 29.44 ? 6  DC  A "O5'" 1 
ATOM   134 C  "C5'" . DC  A 1 6 ? 12.536  6.298   0.679   1.00 31.23 ? 6  DC  A "C5'" 1 
ATOM   135 C  "C4'" . DC  A 1 6 ? 11.627  5.129   1.011   1.00 30.17 ? 6  DC  A "C4'" 1 
ATOM   136 O  "O4'" . DC  A 1 6 ? 11.297  4.435   -0.208  1.00 28.53 ? 6  DC  A "O4'" 1 
ATOM   137 C  "C3'" . DC  A 1 6 ? 12.292  4.081   1.882   1.00 30.08 ? 6  DC  A "C3'" 1 
ATOM   138 O  "O3'" . DC  A 1 6 ? 11.344  3.367   2.592   1.00 28.84 ? 6  DC  A "O3'" 1 
ATOM   139 C  "C2'" . DC  A 1 6 ? 12.947  3.206   0.827   1.00 28.05 ? 6  DC  A "C2'" 1 
ATOM   140 C  "C1'" . DC  A 1 6 ? 11.834  3.154   -0.199  1.00 26.45 ? 6  DC  A "C1'" 1 
ATOM   141 N  N1    . DC  A 1 6 ? 12.215  2.719   -1.571  1.00 22.25 ? 6  DC  A N1    1 
ATOM   142 C  C2    . DC  A 1 6 ? 11.285  2.010   -2.271  1.00 19.62 ? 6  DC  A C2    1 
ATOM   143 O  O2    . DC  A 1 6 ? 10.172  1.827   -1.797  1.00 25.02 ? 6  DC  A O2    1 
ATOM   144 N  N3    . DC  A 1 6 ? 11.567  1.553   -3.482  1.00 18.76 ? 6  DC  A N3    1 
ATOM   145 C  C4    . DC  A 1 6 ? 12.754  1.778   -4.045  1.00 23.93 ? 6  DC  A C4    1 
ATOM   146 N  N4    . DC  A 1 6 ? 12.905  1.303   -5.304  1.00 20.83 ? 6  DC  A N4    1 
ATOM   147 C  C5    . DC  A 1 6 ? 13.793  2.500   -3.338  1.00 23.23 ? 6  DC  A C5    1 
ATOM   148 C  C6    . DC  A 1 6 ? 13.464  2.944   -2.111  1.00 24.39 ? 6  DC  A C6    1 
ATOM   149 P  P     . DG  A 1 7 ? 11.068  3.714   4.097   1.00 29.90 ? 7  DG  A P     1 
ATOM   150 O  OP1   . DG  A 1 7 ? 10.832  5.161   4.140   1.00 32.31 ? 7  DG  A OP1   1 
ATOM   151 O  OP2   . DG  A 1 7 ? 12.152  3.060   4.874   1.00 31.75 ? 7  DG  A OP2   1 
ATOM   152 O  "O5'" . DG  A 1 7 ? 9.687   2.968   4.381   1.00 22.49 ? 7  DG  A "O5'" 1 
ATOM   153 C  "C5'" . DG  A 1 7 ? 8.486   3.402   3.860   1.00 22.24 ? 7  DG  A "C5'" 1 
ATOM   154 C  "C4'" . DG  A 1 7 ? 7.485   2.270   3.694   1.00 21.63 ? 7  DG  A "C4'" 1 
ATOM   155 O  "O4'" . DG  A 1 7 ? 7.805   1.503   2.499   1.00 23.57 ? 7  DG  A "O4'" 1 
ATOM   156 C  "C3'" . DG  A 1 7 ? 7.420   1.224   4.802   1.00 23.00 ? 7  DG  A "C3'" 1 
ATOM   157 O  "O3'" . DG  A 1 7 ? 6.094   0.832   4.903   1.00 24.98 ? 7  DG  A "O3'" 1 
ATOM   158 C  "C2'" . DG  A 1 7 ? 8.357   0.089   4.343   1.00 24.17 ? 7  DG  A "C2'" 1 
ATOM   159 C  "C1'" . DG  A 1 7 ? 8.282   0.187   2.834   1.00 23.46 ? 7  DG  A "C1'" 1 
ATOM   160 N  N9    . DG  A 1 7 ? 9.509   -0.007  2.080   1.00 21.12 ? 7  DG  A N9    1 
ATOM   161 C  C8    . DG  A 1 7 ? 10.799  0.342   2.367   1.00 22.78 ? 7  DG  A C8    1 
ATOM   162 N  N7    . DG  A 1 7 ? 11.662  0.082   1.390   1.00 21.73 ? 7  DG  A N7    1 
ATOM   163 C  C5    . DG  A 1 7 ? 10.875  -0.486  0.394   1.00 19.96 ? 7  DG  A C5    1 
ATOM   164 C  C6    . DG  A 1 7 ? 11.213  -1.018  -0.863  1.00 21.26 ? 7  DG  A C6    1 
ATOM   165 O  O6    . DG  A 1 7 ? 12.342  -1.092  -1.442  1.00 25.04 ? 7  DG  A O6    1 
ATOM   166 N  N1    . DG  A 1 7 ? 10.069  -1.478  -1.532  1.00 15.82 ? 7  DG  A N1    1 
ATOM   167 C  C2    . DG  A 1 7 ? 8.800   -1.493  -1.064  1.00 15.04 ? 7  DG  A C2    1 
ATOM   168 N  N2    . DG  A 1 7 ? 7.848   -1.998  -1.843  1.00 12.24 ? 7  DG  A N2    1 
ATOM   169 N  N3    . DG  A 1 7 ? 8.475   -1.037  0.109   1.00 18.79 ? 7  DG  A N3    1 
ATOM   170 C  C4    . DG  A 1 7 ? 9.558   -0.533  0.789   1.00 21.47 ? 7  DG  A C4    1 
ATOM   171 P  P     . DC  A 1 8 ? 5.637   -0.350  5.844   1.00 25.13 ? 8  DC  A P     1 
ATOM   172 O  OP1   . DC  A 1 8 ? 4.179   -0.304  6.040   1.00 26.11 ? 8  DC  A OP1   1 
ATOM   173 O  OP2   . DC  A 1 8 ? 6.694   -0.184  6.871   1.00 23.40 ? 8  DC  A OP2   1 
ATOM   174 O  "O5'" . DC  A 1 8 ? 5.716   -1.654  4.977   1.00 23.26 ? 8  DC  A "O5'" 1 
ATOM   175 C  "C5'" . DC  A 1 8 ? 4.556   -2.095  4.321   1.00 24.99 ? 8  DC  A "C5'" 1 
ATOM   176 C  "C4'" . DC  A 1 8 ? 4.910   -3.211  3.358   1.00 25.44 ? 8  DC  A "C4'" 1 
ATOM   177 O  "O4'" . DC  A 1 8 ? 6.231   -2.934  2.873   1.00 26.51 ? 8  DC  A "O4'" 1 
ATOM   178 C  "C3'" . DC  A 1 8 ? 5.131   -4.568  3.947   1.00 25.60 ? 8  DC  A "C3'" 1 
ATOM   179 O  "O3'" . DC  A 1 8 ? 3.957   -5.257  4.058   1.00 26.86 ? 8  DC  A "O3'" 1 
ATOM   180 C  "C2'" . DC  A 1 8 ? 6.030   -5.222  2.917   1.00 27.66 ? 8  DC  A "C2'" 1 
ATOM   181 C  "C1'" . DC  A 1 8 ? 6.618   -4.062  2.140   1.00 25.87 ? 8  DC  A "C1'" 1 
ATOM   182 N  N1    . DC  A 1 8 ? 8.060   -3.955  1.996   1.00 22.83 ? 8  DC  A N1    1 
ATOM   183 C  C2    . DC  A 1 8 ? 8.691   -4.385  0.846   1.00 25.50 ? 8  DC  A C2    1 
ATOM   184 O  O2    . DC  A 1 8 ? 8.049   -4.910  -0.054  1.00 27.09 ? 8  DC  A O2    1 
ATOM   185 N  N3    . DC  A 1 8 ? 10.012  -4.229  0.739   1.00 26.58 ? 8  DC  A N3    1 
ATOM   186 C  C4    . DC  A 1 8 ? 10.701  -3.645  1.705   1.00 26.99 ? 8  DC  A C4    1 
ATOM   187 N  N4    . DC  A 1 8 ? 12.006  -3.522  1.548   1.00 28.38 ? 8  DC  A N4    1 
ATOM   188 C  C5    . DC  A 1 8 ? 10.090  -3.162  2.870   1.00 26.65 ? 8  DC  A C5    1 
ATOM   189 C  C6    . DC  A 1 8 ? 8.766   -3.334  2.961   1.00 25.96 ? 8  DC  A C6    1 
ATOM   190 O  "O5'" . DG  B 1 1 ? -15.006 -13.355 18.149  1.00 36.80 ? 1  DG  B "O5'" 1 
ATOM   191 C  "C5'" . DG  B 1 1 ? -14.993 -11.984 17.863  1.00 35.23 ? 1  DG  B "C5'" 1 
ATOM   192 C  "C4'" . DG  B 1 1 ? -13.573 -11.514 17.793  1.00 33.00 ? 1  DG  B "C4'" 1 
ATOM   193 O  "O4'" . DG  B 1 1 ? -12.969 -12.255 16.706  1.00 32.07 ? 1  DG  B "O4'" 1 
ATOM   194 C  "C3'" . DG  B 1 1 ? -13.424 -10.060 17.408  1.00 33.47 ? 1  DG  B "C3'" 1 
ATOM   195 O  "O3'" . DG  B 1 1 ? -12.210 -9.593  17.979  1.00 36.48 ? 1  DG  B "O3'" 1 
ATOM   196 C  "C2'" . DG  B 1 1 ? -13.470 -10.141 15.868  1.00 30.75 ? 1  DG  B "C2'" 1 
ATOM   197 C  "C1'" . DG  B 1 1 ? -12.708 -11.427 15.599  1.00 27.89 ? 1  DG  B "C1'" 1 
ATOM   198 N  N9    . DG  B 1 1 ? -13.084 -12.280 14.496  1.00 21.67 ? 1  DG  B N9    1 
ATOM   199 C  C8    . DG  B 1 1 ? -14.329 -12.759 14.167  1.00 21.83 ? 1  DG  B C8    1 
ATOM   200 N  N7    . DG  B 1 1 ? -14.351 -13.548 13.113  1.00 19.13 ? 1  DG  B N7    1 
ATOM   201 C  C5    . DG  B 1 1 ? -12.992 -13.618 12.748  1.00 16.64 ? 1  DG  B C5    1 
ATOM   202 C  C6    . DG  B 1 1 ? -12.354 -14.313 11.706  1.00 16.68 ? 1  DG  B C6    1 
ATOM   203 O  O6    . DG  B 1 1 ? -12.842 -15.078 10.825  1.00 22.48 ? 1  DG  B O6    1 
ATOM   204 N  N1    . DG  B 1 1 ? -10.987 -14.125 11.712  1.00 12.17 ? 1  DG  B N1    1 
ATOM   205 C  C2    . DG  B 1 1 ? -10.290 -13.346 12.577  1.00 14.94 ? 1  DG  B C2    1 
ATOM   206 N  N2    . DG  B 1 1 ? -8.947  -13.281 12.395  1.00 11.54 ? 1  DG  B N2    1 
ATOM   207 N  N3    . DG  B 1 1 ? -10.874 -12.663 13.547  1.00 15.38 ? 1  DG  B N3    1 
ATOM   208 C  C4    . DG  B 1 1 ? -12.214 -12.848 13.573  1.00 18.24 ? 1  DG  B C4    1 
HETATM 209 BR BR    . CBR B 1 2 ? -14.042 -9.389  12.408  1.00 46.90 ? 2  CBR B BR    1 
HETATM 210 P  P     . CBR B 1 2 ? -11.717 -8.123  17.619  1.00 42.44 ? 2  CBR B P     1 
HETATM 211 O  OP1   . CBR B 1 2 ? -10.977 -7.600  18.790  1.00 42.97 ? 2  CBR B OP1   1 
HETATM 212 O  OP2   . CBR B 1 2 ? -12.918 -7.455  17.081  1.00 44.09 ? 2  CBR B OP2   1 
HETATM 213 O  "O5'" . CBR B 1 2 ? -10.704 -8.265  16.402  1.00 41.23 ? 2  CBR B "O5'" 1 
HETATM 214 N  N1    . CBR B 1 2 ? -10.094 -9.420  12.302  1.00 37.88 ? 2  CBR B N1    1 
HETATM 215 C  C6    . CBR B 1 2 ? -11.391 -9.214  12.611  1.00 36.87 ? 2  CBR B C6    1 
HETATM 216 C  C2    . CBR B 1 2 ? -9.726  -10.283 11.267  1.00 34.53 ? 2  CBR B C2    1 
HETATM 217 O  O2    . CBR B 1 2 ? -8.526  -10.460 11.001  1.00 34.78 ? 2  CBR B O2    1 
HETATM 218 N  N3    . CBR B 1 2 ? -10.707 -10.859 10.548  1.00 29.77 ? 2  CBR B N3    1 
HETATM 219 C  C4    . CBR B 1 2 ? -11.979 -10.637 10.847  1.00 31.70 ? 2  CBR B C4    1 
HETATM 220 N  N4    . CBR B 1 2 ? -12.895 -11.280 10.106  1.00 29.62 ? 2  CBR B N4    1 
HETATM 221 C  C5    . CBR B 1 2 ? -12.345 -9.776  11.910  1.00 34.78 ? 2  CBR B C5    1 
HETATM 222 C  "C2'" . CBR B 1 2 ? -9.287  -7.368  13.683  1.00 44.87 ? 2  CBR B "C2'" 1 
HETATM 223 C  "C5'" . CBR B 1 2 ? -9.483  -8.933  16.659  1.00 44.55 ? 2  CBR B "C5'" 1 
HETATM 224 C  "C4'" . CBR B 1 2 ? -8.563  -8.831  15.467  1.00 44.69 ? 2  CBR B "C4'" 1 
HETATM 225 O  "O4'" . CBR B 1 2 ? -9.109  -9.576  14.358  1.00 45.36 ? 2  CBR B "O4'" 1 
HETATM 226 C  "C1'" . CBR B 1 2 ? -9.078  -8.783  13.167  1.00 43.28 ? 2  CBR B "C1'" 1 
HETATM 227 C  "C3'" . CBR B 1 2 ? -8.435  -7.401  14.968  1.00 45.09 ? 2  CBR B "C3'" 1 
HETATM 228 O  "O3'" . CBR B 1 2 ? -7.074  -7.091  14.798  1.00 46.59 ? 2  CBR B "O3'" 1 
ATOM   229 P  P     . DG  B 1 3 ? -6.753  -5.576  14.406  1.00 52.20 ? 3  DG  B P     1 
ATOM   230 O  OP1   . DG  B 1 3 ? -5.463  -5.142  15.017  1.00 48.76 ? 3  DG  B OP1   1 
ATOM   231 O  OP2   . DG  B 1 3 ? -8.013  -4.762  14.496  1.00 48.03 ? 3  DG  B OP2   1 
ATOM   232 O  "O5'" . DG  B 1 3 ? -6.411  -5.898  12.869  1.00 51.61 ? 3  DG  B "O5'" 1 
ATOM   233 C  "C5'" . DG  B 1 3 ? -5.352  -6.807  12.445  1.00 48.64 ? 3  DG  B "C5'" 1 
ATOM   234 C  "C4'" . DG  B 1 3 ? -5.271  -6.752  10.926  1.00 44.75 ? 3  DG  B "C4'" 1 
ATOM   235 O  "O4'" . DG  B 1 3 ? -6.455  -7.333  10.296  1.00 41.82 ? 3  DG  B "O4'" 1 
ATOM   236 C  "C3'" . DG  B 1 3 ? -5.251  -5.332  10.399  1.00 43.45 ? 3  DG  B "C3'" 1 
ATOM   237 O  "O3'" . DG  B 1 3 ? -4.494  -5.318  9.242   1.00 48.22 ? 3  DG  B "O3'" 1 
ATOM   238 C  "C2'" . DG  B 1 3 ? -6.728  -5.060  10.114  1.00 38.95 ? 3  DG  B "C2'" 1 
ATOM   239 C  "C1'" . DG  B 1 3 ? -7.179  -6.382  9.521   1.00 33.30 ? 3  DG  B "C1'" 1 
ATOM   240 N  N9    . DG  B 1 3 ? -8.622  -6.699  9.534   1.00 23.51 ? 3  DG  B N9    1 
ATOM   241 C  C8    . DG  B 1 3 ? -9.638  -6.241  10.365  1.00 20.43 ? 3  DG  B C8    1 
ATOM   242 N  N7    . DG  B 1 3 ? -10.840 -6.737  10.097  1.00 17.47 ? 3  DG  B N7    1 
ATOM   243 C  C5    . DG  B 1 3 ? -10.584 -7.589  9.004   1.00 14.32 ? 3  DG  B C5    1 
ATOM   244 C  C6    . DG  B 1 3 ? -11.428 -8.391  8.273   1.00 13.00 ? 3  DG  B C6    1 
ATOM   245 O  O6    . DG  B 1 3 ? -12.642 -8.569  8.418   1.00 19.32 ? 3  DG  B O6    1 
ATOM   246 N  N1    . DG  B 1 3 ? -10.806 -9.080  7.263   1.00 14.02 ? 3  DG  B N1    1 
ATOM   247 C  C2    . DG  B 1 3 ? -9.497  -9.009  6.957   1.00 17.27 ? 3  DG  B C2    1 
ATOM   248 N  N2    . DG  B 1 3 ? -9.078  -9.774  5.920   1.00 18.52 ? 3  DG  B N2    1 
ATOM   249 N  N3    . DG  B 1 3 ? -8.649  -8.257  7.637   1.00 19.08 ? 3  DG  B N3    1 
ATOM   250 C  C4    . DG  B 1 3 ? -9.259  -7.574  8.647   1.00 18.36 ? 3  DG  B C4    1 
ATOM   251 P  P     A DA  B 1 4 ? -3.366  -4.206  9.005   0.50 50.05 ? 4  DA  B P     1 
ATOM   252 P  P     B DA  B 1 4 ? -2.886  -5.213  9.301   0.50 51.36 ? 4  DA  B P     1 
ATOM   253 O  OP1   A DA  B 1 4 ? -2.098  -4.728  9.579   0.50 50.11 ? 4  DA  B OP1   1 
ATOM   254 O  OP1   B DA  B 1 4 ? -2.294  -6.520  9.681   0.50 51.64 ? 4  DA  B OP1   1 
ATOM   255 O  OP2   A DA  B 1 4 ? -3.931  -2.894  9.413   0.50 47.63 ? 4  DA  B OP2   1 
ATOM   256 O  OP2   B DA  B 1 4 ? -2.593  -3.984  10.088  0.50 50.69 ? 4  DA  B OP2   1 
ATOM   257 O  "O5'" A DA  B 1 4 ? -3.173  -4.266  7.408   0.50 49.20 ? 4  DA  B "O5'" 1 
ATOM   258 O  "O5'" B DA  B 1 4 ? -2.500  -4.981  7.761   0.50 50.35 ? 4  DA  B "O5'" 1 
ATOM   259 C  "C5'" A DA  B 1 4 ? -3.265  -5.482  6.648   0.50 47.60 ? 4  DA  B "C5'" 1 
ATOM   260 C  "C5'" B DA  B 1 4 ? -2.772  -3.685  7.220   0.50 49.62 ? 4  DA  B "C5'" 1 
ATOM   261 C  "C4'" A DA  B 1 4 ? -4.105  -5.266  5.398   0.50 46.86 ? 4  DA  B "C4'" 1 
ATOM   262 C  "C4'" B DA  B 1 4 ? -3.356  -3.737  5.821   0.50 48.16 ? 4  DA  B "C4'" 1 
ATOM   263 O  "O4'" A DA  B 1 4 ? -5.491  -5.659  5.568   0.50 45.84 ? 4  DA  B "O4'" 1 
ATOM   264 O  "O4'" B DA  B 1 4 ? -4.287  -4.848  5.721   0.50 46.31 ? 4  DA  B "O4'" 1 
ATOM   265 C  "C3'" A DA  B 1 4 ? -4.243  -3.829  4.938   0.50 46.54 ? 4  DA  B "C3'" 1 
ATOM   266 C  "C3'" B DA  B 1 4 ? -4.121  -2.460  5.455   0.50 47.75 ? 4  DA  B "C3'" 1 
ATOM   267 O  "O3'" A DA  B 1 4 ? -3.054  -3.429  4.260   0.50 47.89 ? 4  DA  B "O3'" 1 
ATOM   268 O  "O3'" B DA  B 1 4 ? -3.709  -1.916  4.198   0.50 47.45 ? 4  DA  B "O3'" 1 
ATOM   269 C  "C2'" A DA  B 1 4 ? -5.482  -3.900  4.044   0.50 46.03 ? 4  DA  B "C2'" 1 
ATOM   270 C  "C2'" B DA  B 1 4 ? -5.571  -2.931  5.409   0.50 48.06 ? 4  DA  B "C2'" 1 
ATOM   271 C  "C1'" A DA  B 1 4 ? -6.172  -5.233  4.410   0.50 44.31 ? 4  DA  B "C1'" 1 
ATOM   272 C  "C1'" B DA  B 1 4 ? -5.403  -4.384  4.964   0.50 46.24 ? 4  DA  B "C1'" 1 
ATOM   273 N  N9    A DA  B 1 4 ? -7.430  -5.586  4.686   0.50 35.60 ? 4  DA  B N9    1 
ATOM   274 N  N9    B DA  B 1 4 ? -6.522  -5.138  4.673   0.50 36.26 ? 4  DA  B N9    1 
ATOM   275 C  C8    A DA  B 1 4 ? -8.313  -6.424  4.033   0.50 32.58 ? 4  DA  B C8    1 
ATOM   276 C  C8    B DA  B 1 4 ? -6.548  -6.117  3.705   0.50 33.53 ? 4  DA  B C8    1 
ATOM   277 N  N7    A DA  B 1 4 ? -9.522  -6.434  4.569   0.50 35.85 ? 4  DA  B N7    1 
ATOM   278 N  N7    B DA  B 1 4 ? -7.687  -6.757  3.622   0.50 33.29 ? 4  DA  B N7    1 
ATOM   279 C  C5    A DA  B 1 4 ? -9.415  -5.546  5.637   0.50 33.59 ? 4  DA  B C5    1 
ATOM   280 C  C5    B DA  B 1 4 ? -8.480  -6.168  4.606   0.50 26.84 ? 4  DA  B C5    1 
ATOM   281 C  C6    A DA  B 1 4 ? -10.343 -5.119  6.600   0.50 32.30 ? 4  DA  B C6    1 
ATOM   282 C  C6    B DA  B 1 4 ? -9.826  -6.404  5.011   0.50 26.93 ? 4  DA  B C6    1 
ATOM   283 N  N6    A DA  B 1 4 ? -11.603 -5.557  6.643   0.50 39.71 ? 4  DA  B N6    1 
ATOM   284 N  N6    B DA  B 1 4 ? -10.624 -7.335  4.460   0.50 35.88 ? 4  DA  B N6    1 
ATOM   285 N  N1    A DA  B 1 4 ? -9.919  -4.229  7.528   0.50 32.67 ? 4  DA  B N1    1 
ATOM   286 N  N1    B DA  B 1 4 ? -10.333 -5.643  6.010   0.50 22.16 ? 4  DA  B N1    1 
ATOM   287 C  C2    A DA  B 1 4 ? -8.644  -3.790  7.476   0.50 31.83 ? 4  DA  B C2    1 
ATOM   288 C  C2    B DA  B 1 4 ? -9.527  -4.710  6.570   0.50 26.26 ? 4  DA  B C2    1 
ATOM   289 N  N3    A DA  B 1 4 ? -7.676  -4.117  6.620   0.50 26.51 ? 4  DA  B N3    1 
ATOM   290 N  N3    B DA  B 1 4 ? -8.244  -4.385  6.280   0.50 25.57 ? 4  DA  B N3    1 
ATOM   291 C  C4    A DA  B 1 4 ? -8.131  -5.008  5.723   0.50 32.69 ? 4  DA  B C4    1 
ATOM   292 C  C4    B DA  B 1 4 ? -7.771  -5.161  5.276   0.50 30.26 ? 4  DA  B C4    1 
ATOM   293 P  P     A DA  B 1 5 ? -2.537  -1.907  4.297   0.50 47.65 ? 5  DA  B P     1 
ATOM   294 P  P     B DA  B 1 5 ? -2.463  -0.908  3.973   0.50 46.52 ? 5  DA  B P     1 
ATOM   295 O  OP1   A DA  B 1 5 ? -1.125  -1.873  4.747   0.50 44.71 ? 5  DA  B OP1   1 
ATOM   296 O  OP1   B DA  B 1 5 ? -1.231  -1.521  4.530   0.50 44.00 ? 5  DA  B OP1   1 
ATOM   297 O  OP2   A DA  B 1 5 ? -3.588  -1.198  5.065   0.50 49.10 ? 5  DA  B OP2   1 
ATOM   298 O  OP2   B DA  B 1 5 ? -2.836  0.488   4.324   0.50 47.37 ? 5  DA  B OP2   1 
ATOM   299 O  "O5'" A DA  B 1 5 ? -2.633  -1.432  2.766   0.50 44.71 ? 5  DA  B "O5'" 1 
ATOM   300 O  "O5'" B DA  B 1 5 ? -2.478  -0.979  2.390   0.50 44.16 ? 5  DA  B "O5'" 1 
ATOM   301 C  "C5'" A DA  B 1 5 ? -1.524  -1.538  1.899   0.50 42.06 ? 5  DA  B "C5'" 1 
ATOM   302 C  "C5'" B DA  B 1 5 ? -1.363  -1.494  1.784   0.50 42.03 ? 5  DA  B "C5'" 1 
ATOM   303 C  "C4'" . DA  B 1 5 ? -1.645  -2.715  0.949   1.00 40.23 ? 5  DA  B "C4'" 1 
ATOM   304 O  "O4'" . DA  B 1 5 ? -0.654  -2.636  -0.082  1.00 36.07 ? 5  DA  B "O4'" 1 
ATOM   305 C  "C3'" . DA  B 1 5 ? -1.344  -4.056  1.587   1.00 38.86 ? 5  DA  B "C3'" 1 
ATOM   306 O  "O3'" . DA  B 1 5 ? -1.692  -5.086  0.717   1.00 43.53 ? 5  DA  B "O3'" 1 
ATOM   307 C  "C2'" . DA  B 1 5 ? 0.155   -4.026  1.696   1.00 36.07 ? 5  DA  B "C2'" 1 
ATOM   308 C  "C1'" . DA  B 1 5 ? 0.556   -3.210  0.450   1.00 33.24 ? 5  DA  B "C1'" 1 
ATOM   309 N  N9    . DA  B 1 5 ? 1.660   -2.263  0.742   1.00 23.45 ? 5  DA  B N9    1 
ATOM   310 C  C8    . DA  B 1 5 ? 1.716   -1.213  1.627   1.00 21.24 ? 5  DA  B C8    1 
ATOM   311 N  N7    . DA  B 1 5 ? 2.868   -0.577  1.642   1.00 20.53 ? 5  DA  B N7    1 
ATOM   312 C  C5    . DA  B 1 5 ? 3.650   -1.305  0.746   1.00 20.90 ? 5  DA  B C5    1 
ATOM   313 C  C6    . DA  B 1 5 ? 4.991   -1.185  0.319   1.00 22.18 ? 5  DA  B C6    1 
ATOM   314 N  N6    . DA  B 1 5 ? 5.818   -0.252  0.764   1.00 23.29 ? 5  DA  B N6    1 
ATOM   315 N  N1    . DA  B 1 5 ? 5.476   -2.039  -0.618  1.00 24.21 ? 5  DA  B N1    1 
ATOM   316 C  C2    . DA  B 1 5 ? 4.644   -3.003  -1.075  1.00 23.34 ? 5  DA  B C2    1 
ATOM   317 N  N3    . DA  B 1 5 ? 3.368   -3.229  -0.725  1.00 22.02 ? 5  DA  B N3    1 
ATOM   318 C  C4    . DA  B 1 5 ? 2.915   -2.330  0.178   1.00 20.55 ? 5  DA  B C4    1 
ATOM   319 P  P     . DC  B 1 6 ? -2.677  -6.264  1.193   1.00 48.90 ? 6  DC  B P     1 
ATOM   320 O  OP1   . DC  B 1 6 ? -2.273  -6.652  2.585   1.00 48.30 ? 6  DC  B OP1   1 
ATOM   321 O  OP2   . DC  B 1 6 ? -2.769  -7.236  0.055   1.00 46.10 ? 6  DC  B OP2   1 
ATOM   322 O  "O5'" . DC  B 1 6 ? -4.068  -5.479  1.340   1.00 47.73 ? 6  DC  B "O5'" 1 
ATOM   323 C  "C5'" . DC  B 1 6 ? -4.697  -4.828  0.256   1.00 47.23 ? 6  DC  B "C5'" 1 
ATOM   324 C  "C4'" . DC  B 1 6 ? -5.802  -5.693  -0.315  1.00 45.65 ? 6  DC  B "C4'" 1 
ATOM   325 O  "O4'" . DC  B 1 6 ? -6.904  -5.811  0.592   1.00 44.64 ? 6  DC  B "O4'" 1 
ATOM   326 C  "C3'" . DC  B 1 6 ? -6.412  -5.077  -1.535  1.00 46.43 ? 6  DC  B "C3'" 1 
ATOM   327 O  "O3'" . DC  B 1 6 ? -6.947  -6.063  -2.378  1.00 51.14 ? 6  DC  B "O3'" 1 
ATOM   328 C  "C2'" . DC  B 1 6 ? -7.514  -4.225  -0.978  1.00 44.82 ? 6  DC  B "C2'" 1 
ATOM   329 C  "C1'" . DC  B 1 6 ? -8.047  -5.094  0.141   1.00 42.34 ? 6  DC  B "C1'" 1 
ATOM   330 N  N1    . DC  B 1 6 ? -8.674  -4.315  1.299   1.00 38.32 ? 6  DC  B N1    1 
ATOM   331 C  C2    . DC  B 1 6 ? -10.005 -4.486  1.705   1.00 34.49 ? 6  DC  B C2    1 
ATOM   332 O  O2    . DC  B 1 6 ? -10.732 -5.293  1.138   1.00 33.75 ? 6  DC  B O2    1 
ATOM   333 N  N3    . DC  B 1 6 ? -10.475 -3.747  2.745   1.00 32.87 ? 6  DC  B N3    1 
ATOM   334 C  C4    . DC  B 1 6 ? -9.704  -2.867  3.396   1.00 32.34 ? 6  DC  B C4    1 
ATOM   335 N  N4    . DC  B 1 6 ? -10.207 -2.175  4.446   1.00 29.32 ? 6  DC  B N4    1 
ATOM   336 C  C5    . DC  B 1 6 ? -8.354  -2.683  3.005   1.00 33.75 ? 6  DC  B C5    1 
ATOM   337 C  C6    . DC  B 1 6 ? -7.891  -3.419  1.981   1.00 36.81 ? 6  DC  B C6    1 
ATOM   338 P  P     . DG  B 1 7 ? -6.976  -5.635  -3.916  1.00 55.46 ? 7  DG  B P     1 
ATOM   339 O  OP1   . DG  B 1 7 ? -6.810  -6.863  -4.743  1.00 54.25 ? 7  DG  B OP1   1 
ATOM   340 O  OP2   . DG  B 1 7 ? -6.103  -4.418  -4.006  1.00 53.67 ? 7  DG  B OP2   1 
ATOM   341 O  "O5'" . DG  B 1 7 ? -8.463  -5.101  -4.093  1.00 49.31 ? 7  DG  B "O5'" 1 
ATOM   342 C  "C5'" . DG  B 1 7 ? -9.457  -6.057  -4.163  1.00 46.46 ? 7  DG  B "C5'" 1 
ATOM   343 C  "C4'" . DG  B 1 7 ? -10.762 -5.350  -4.315  1.00 42.95 ? 7  DG  B "C4'" 1 
ATOM   344 O  "O4'" . DG  B 1 7 ? -11.026 -4.716  -3.054  1.00 41.01 ? 7  DG  B "O4'" 1 
ATOM   345 C  "C3'" . DG  B 1 7 ? -10.732 -4.265  -5.372  1.00 41.53 ? 7  DG  B "C3'" 1 
ATOM   346 O  "O3'" . DG  B 1 7 ? -11.908 -4.427  -6.071  1.00 43.50 ? 7  DG  B "O3'" 1 
ATOM   347 C  "C2'" . DG  B 1 7 ? -10.628 -2.983  -4.562  1.00 39.46 ? 7  DG  B "C2'" 1 
ATOM   348 C  "C1'" . DG  B 1 7 ? -11.343 -3.367  -3.270  1.00 36.24 ? 7  DG  B "C1'" 1 
ATOM   349 N  N9    . DG  B 1 7 ? -11.001 -2.601  -2.075  1.00 28.63 ? 7  DG  B N9    1 
ATOM   350 C  C8    . DG  B 1 7 ? -9.808  -2.008  -1.782  1.00 24.20 ? 7  DG  B C8    1 
ATOM   351 N  N7    . DG  B 1 7 ? -9.826  -1.401  -0.630  1.00 23.66 ? 7  DG  B N7    1 
ATOM   352 C  C5    . DG  B 1 7 ? -11.111 -1.593  -0.127  1.00 23.77 ? 7  DG  B C5    1 
ATOM   353 C  C6    . DG  B 1 7 ? -11.719 -1.132  1.082   1.00 23.45 ? 7  DG  B C6    1 
ATOM   354 O  O6    . DG  B 1 7 ? -11.266 -0.419  2.035   1.00 20.61 ? 7  DG  B O6    1 
ATOM   355 N  N1    . DG  B 1 7 ? -13.063 -1.567  1.141   1.00 23.53 ? 7  DG  B N1    1 
ATOM   356 C  C2    . DG  B 1 7 ? -13.721 -2.310  0.207   1.00 23.31 ? 7  DG  B C2    1 
ATOM   357 N  N2    . DG  B 1 7 ? -14.984 -2.580  0.535   1.00 22.13 ? 7  DG  B N2    1 
ATOM   358 N  N3    . DG  B 1 7 ? -13.161 -2.745  -0.924  1.00 24.88 ? 7  DG  B N3    1 
ATOM   359 C  C4    . DG  B 1 7 ? -11.857 -2.336  -1.021  1.00 25.31 ? 7  DG  B C4    1 
ATOM   360 P  P     . DC  B 1 8 ? -12.241 -3.552  -7.343  1.00 49.09 ? 8  DC  B P     1 
ATOM   361 O  OP1   . DC  B 1 8 ? -13.084 -4.438  -8.182  1.00 49.88 ? 8  DC  B OP1   1 
ATOM   362 O  OP2   . DC  B 1 8 ? -11.051 -2.769  -7.759  1.00 48.58 ? 8  DC  B OP2   1 
ATOM   363 O  "O5'" . DC  B 1 8 ? -13.339 -2.554  -6.780  1.00 49.45 ? 8  DC  B "O5'" 1 
ATOM   364 C  "C5'" . DC  B 1 8 ? -14.507 -3.174  -6.159  1.00 46.94 ? 8  DC  B "C5'" 1 
ATOM   365 C  "C4'" . DC  B 1 8 ? -15.200 -2.188  -5.235  1.00 44.57 ? 8  DC  B "C4'" 1 
ATOM   366 O  "O4'" . DC  B 1 8 ? -14.340 -1.755  -4.160  1.00 38.93 ? 8  DC  B "O4'" 1 
ATOM   367 C  "C3'" . DC  B 1 8 ? -15.577 -0.907  -5.969  1.00 43.87 ? 8  DC  B "C3'" 1 
ATOM   368 O  "O3'" . DC  B 1 8 ? -16.891 -1.046  -6.532  1.00 45.99 ? 8  DC  B "O3'" 1 
ATOM   369 C  "C2'" . DC  B 1 8 ? -15.456 0.164   -4.885  1.00 41.96 ? 8  DC  B "C2'" 1 
ATOM   370 C  "C1'" . DC  B 1 8 ? -14.966 -0.608  -3.662  1.00 37.28 ? 8  DC  B "C1'" 1 
ATOM   371 N  N1    . DC  B 1 8 ? -14.003 0.119   -2.861  1.00 30.68 ? 8  DC  B N1    1 
ATOM   372 C  C2    . DC  B 1 8 ? -14.345 0.589   -1.592  1.00 28.87 ? 8  DC  B C2    1 
ATOM   373 O  O2    . DC  B 1 8 ? -15.475 0.399   -1.116  1.00 27.07 ? 8  DC  B O2    1 
ATOM   374 N  N3    . DC  B 1 8 ? -13.391 1.250   -0.896  1.00 27.38 ? 8  DC  B N3    1 
ATOM   375 C  C4    . DC  B 1 8 ? -12.172 1.453   -1.390  1.00 25.53 ? 8  DC  B C4    1 
ATOM   376 N  N4    . DC  B 1 8 ? -11.270 2.101   -0.648  1.00 23.54 ? 8  DC  B N4    1 
ATOM   377 C  C5    . DC  B 1 8 ? -11.832 0.996   -2.676  1.00 27.05 ? 8  DC  B C5    1 
ATOM   378 C  C6    . DC  B 1 8 ? -12.771 0.335   -3.366  1.00 29.24 ? 8  DC  B C6    1 
HETATM 379 O  O     . HOH C 2 . ? 6.107   -6.242  -0.630  1.00 24.75 ? 9  HOH A O     1 
HETATM 380 O  O     . HOH C 2 . ? 8.984   6.845   0.264   1.00 28.75 ? 10 HOH A O     1 
HETATM 381 O  O     . HOH C 2 . ? 1.917   -1.547  9.120   1.00 48.97 ? 11 HOH A O     1 
HETATM 382 O  O     . HOH D 2 . ? -15.406 -7.532  9.811   1.00 43.67 ? 9  HOH B O     1 
HETATM 383 O  O     . HOH D 2 . ? -5.955  3.413   -11.188 1.00 28.93 ? 10 HOH B O     1 
# 
